data_7CMM
#
_entry.id   7CMM
#
_cell.length_a   147.990
_cell.length_b   151.810
_cell.length_c   67.530
_cell.angle_alpha   90.000
_cell.angle_beta   90.000
_cell.angle_gamma   90.000
#
_symmetry.space_group_name_H-M   'P 21 21 2'
#
loop_
_entity.id
_entity.type
_entity.pdbx_description
1 polymer 'Transcriptional enhancer factor TEF-1'
2 non-polymer N-[3-(4-chloranylphenoxy)-4-methyl-phenyl]propanamide
3 water water
#
_entity_poly.entity_id   1
_entity_poly.type   'polypeptide(L)'
_entity_poly.pdbx_seq_one_letter_code
;GPLGSENLYFQGRSIGTTKLRLVEFSAFLEQQRDPDSYNKHLFVHIGHANHSYSDPLLESVDIRQIYDKFPEKKGGLKEL
FGKGPQNAFFLVKFWADLNCNIQDDAGAFYGVTSQYESSENMTVTCSTKVCSFGKQVVEKVETEYARFENGRFVYRINRS
PMCEYMINFIHKLKHLPEKYMMNSVLENFTILLVVTNRDTQETLLCMACVFEVSNSEHGAQHHIYRLVKD
;
_entity_poly.pdbx_strand_id   A,B,C,D
#
loop_
_chem_comp.id
_chem_comp.type
_chem_comp.name
_chem_comp.formula
KK9 non-polymer N-[3-(4-chloranylphenoxy)-4-methyl-phenyl]propanamide 'C16 H16 Cl N O2'
#
# COMPACT_ATOMS: atom_id res chain seq x y z
N SER A 14 15.18 -16.96 -5.05
CA SER A 14 14.72 -18.21 -4.47
C SER A 14 13.21 -18.21 -4.24
N ILE A 15 12.53 -19.18 -4.85
CA ILE A 15 11.08 -19.32 -4.75
C ILE A 15 10.44 -18.00 -5.13
N GLY A 16 10.64 -17.56 -6.37
CA GLY A 16 10.06 -16.29 -6.76
C GLY A 16 10.22 -15.88 -8.21
N THR A 17 9.29 -15.05 -8.67
CA THR A 17 9.31 -14.45 -9.99
C THR A 17 9.62 -12.95 -9.85
N THR A 18 9.64 -12.25 -10.98
CA THR A 18 9.85 -10.81 -10.94
C THR A 18 8.70 -10.08 -10.27
N LYS A 19 7.47 -10.59 -10.41
CA LYS A 19 6.33 -9.91 -9.81
C LYS A 19 6.19 -10.18 -8.31
N LEU A 20 6.63 -11.35 -7.84
CA LEU A 20 6.53 -11.68 -6.42
C LEU A 20 7.69 -12.58 -6.02
N ARG A 21 8.25 -12.28 -4.85
CA ARG A 21 9.38 -13.03 -4.30
C ARG A 21 9.08 -13.42 -2.86
N LEU A 22 9.41 -14.65 -2.50
CA LEU A 22 9.28 -15.11 -1.12
C LEU A 22 10.57 -14.81 -0.37
N VAL A 23 10.47 -14.01 0.68
CA VAL A 23 11.65 -13.65 1.46
C VAL A 23 11.96 -14.67 2.54
N GLU A 24 10.96 -14.99 3.37
CA GLU A 24 11.20 -15.90 4.50
C GLU A 24 9.94 -16.72 4.75
N PHE A 25 10.14 -17.97 5.13
CA PHE A 25 9.06 -18.90 5.46
C PHE A 25 9.53 -19.66 6.68
N SER A 26 8.92 -19.40 7.83
CA SER A 26 9.35 -20.01 9.08
C SER A 26 8.14 -20.54 9.84
N ALA A 27 8.15 -21.84 10.12
CA ALA A 27 7.14 -22.50 10.93
C ALA A 27 7.83 -22.98 12.20
N PHE A 28 7.33 -22.54 13.35
CA PHE A 28 8.10 -22.65 14.58
C PHE A 28 7.23 -23.09 15.73
N LEU A 29 7.88 -23.34 16.87
CA LEU A 29 7.24 -23.61 18.14
C LEU A 29 7.91 -22.74 19.19
N GLU A 30 7.15 -21.83 19.80
CA GLU A 30 7.69 -20.95 20.82
C GLU A 30 7.36 -21.51 22.19
N GLN A 31 8.39 -21.69 23.02
CA GLN A 31 8.21 -22.25 24.35
C GLN A 31 8.77 -21.30 25.40
N GLN A 32 8.12 -21.29 26.57
CA GLN A 32 8.57 -20.53 27.72
C GLN A 32 8.28 -21.33 28.98
N ARG A 33 9.35 -21.74 29.68
CA ARG A 33 9.19 -22.36 30.99
C ARG A 33 9.19 -21.33 32.11
N ASP A 34 9.90 -20.23 31.91
CA ASP A 34 9.91 -19.10 32.84
C ASP A 34 10.33 -17.86 32.10
N PRO A 35 10.07 -16.67 32.61
CA PRO A 35 10.56 -15.45 31.96
C PRO A 35 12.08 -15.39 31.88
N ASP A 36 12.79 -16.21 32.66
CA ASP A 36 14.24 -16.23 32.60
C ASP A 36 14.75 -16.82 31.29
N SER A 37 14.16 -17.93 30.85
CA SER A 37 14.67 -18.67 29.71
C SER A 37 13.52 -19.06 28.79
N TYR A 38 13.64 -18.70 27.52
CA TYR A 38 12.69 -19.07 26.49
C TYR A 38 13.42 -19.83 25.38
N ASN A 39 12.66 -20.22 24.35
CA ASN A 39 13.22 -20.92 23.20
C ASN A 39 12.21 -21.01 22.06
N LYS A 40 12.62 -20.66 20.86
CA LYS A 40 11.82 -20.84 19.66
C LYS A 40 12.51 -21.88 18.80
N HIS A 41 11.82 -22.98 18.52
CA HIS A 41 12.35 -24.08 17.72
C HIS A 41 11.69 -24.06 16.34
N LEU A 42 12.52 -24.14 15.30
CA LEU A 42 12.04 -24.05 13.93
C LEU A 42 11.75 -25.43 13.37
N PHE A 43 10.55 -25.61 12.84
CA PHE A 43 10.21 -26.83 12.12
C PHE A 43 10.81 -26.80 10.72
N VAL A 44 10.44 -25.78 9.94
CA VAL A 44 11.01 -25.57 8.61
C VAL A 44 11.38 -24.10 8.47
N HIS A 45 12.44 -23.84 7.69
CA HIS A 45 12.93 -22.50 7.41
C HIS A 45 13.23 -22.40 5.92
N ILE A 46 13.15 -21.18 5.39
CA ILE A 46 13.51 -20.93 4.00
C ILE A 46 14.50 -19.76 3.89
N PRO A 56 21.06 -19.90 -8.95
CA PRO A 56 19.75 -19.32 -9.24
C PRO A 56 18.91 -20.12 -10.22
N LEU A 57 19.35 -21.32 -10.60
CA LEU A 57 18.61 -22.17 -11.53
C LEU A 57 18.03 -23.36 -10.79
N LEU A 58 16.77 -23.66 -11.07
CA LEU A 58 16.01 -24.70 -10.39
C LEU A 58 15.91 -25.95 -11.25
N GLU A 59 15.99 -27.11 -10.61
CA GLU A 59 15.80 -28.35 -11.34
C GLU A 59 14.33 -28.47 -11.76
N SER A 60 14.09 -29.29 -12.78
CA SER A 60 12.75 -29.42 -13.36
C SER A 60 12.09 -30.71 -12.87
N VAL A 61 10.85 -30.59 -12.42
CA VAL A 61 10.05 -31.72 -11.95
C VAL A 61 8.72 -31.70 -12.69
N ASP A 62 8.32 -32.86 -13.22
CA ASP A 62 7.03 -32.97 -13.88
C ASP A 62 5.93 -32.75 -12.86
N ILE A 63 5.03 -31.80 -13.14
CA ILE A 63 3.95 -31.50 -12.22
C ILE A 63 2.94 -32.66 -12.13
N ARG A 64 2.86 -33.50 -13.16
CA ARG A 64 1.91 -34.61 -13.13
C ARG A 64 2.24 -35.63 -12.05
N GLN A 65 3.49 -35.66 -11.57
CA GLN A 65 3.89 -36.65 -10.58
C GLN A 65 3.26 -36.38 -9.22
N ILE A 66 3.00 -35.10 -8.89
CA ILE A 66 2.43 -34.73 -7.60
C ILE A 66 0.96 -34.39 -7.69
N TYR A 67 0.30 -34.69 -8.82
CA TYR A 67 -1.10 -34.32 -8.97
C TYR A 67 -1.99 -35.03 -7.95
N ASP A 68 -1.78 -36.33 -7.76
CA ASP A 68 -2.66 -37.10 -6.87
C ASP A 68 -2.60 -36.58 -5.44
N LYS A 69 -1.44 -36.12 -4.99
CA LYS A 69 -1.28 -35.69 -3.61
C LYS A 69 -2.01 -34.38 -3.30
N PHE A 70 -2.25 -33.56 -4.32
CA PHE A 70 -2.97 -32.30 -4.20
C PHE A 70 -4.35 -32.40 -4.86
N PRO A 71 -5.28 -31.49 -4.55
CA PRO A 71 -6.63 -31.61 -5.09
C PRO A 71 -6.64 -31.57 -6.62
N GLU A 72 -7.42 -32.47 -7.22
CA GLU A 72 -7.61 -32.53 -8.66
C GLU A 72 -8.96 -32.00 -9.12
N LYS A 73 -9.84 -31.63 -8.20
CA LYS A 73 -11.16 -31.11 -8.55
C LYS A 73 -11.03 -29.66 -9.00
N LYS A 74 -12.16 -29.00 -9.24
CA LYS A 74 -12.13 -27.59 -9.61
C LYS A 74 -11.39 -26.79 -8.54
N GLY A 75 -10.50 -25.91 -8.98
CA GLY A 75 -9.63 -25.21 -8.07
C GLY A 75 -8.41 -26.02 -7.67
N GLY A 76 -8.17 -27.16 -8.33
CA GLY A 76 -7.05 -28.00 -8.03
C GLY A 76 -5.75 -27.51 -8.66
N LEU A 77 -4.67 -28.23 -8.35
CA LEU A 77 -3.36 -27.87 -8.86
C LEU A 77 -3.32 -27.90 -10.39
N LYS A 78 -4.00 -28.88 -10.99
CA LYS A 78 -3.98 -29.01 -12.46
C LYS A 78 -4.65 -27.81 -13.13
N GLU A 79 -5.88 -27.50 -12.71
CA GLU A 79 -6.58 -26.35 -13.27
C GLU A 79 -5.82 -25.05 -13.01
N LEU A 80 -5.19 -24.95 -11.84
CA LEU A 80 -4.43 -23.75 -11.52
C LEU A 80 -3.25 -23.57 -12.46
N PHE A 81 -2.60 -24.68 -12.84
CA PHE A 81 -1.48 -24.61 -13.76
C PHE A 81 -1.92 -24.09 -15.12
N GLY A 82 -3.03 -24.62 -15.65
CA GLY A 82 -3.52 -24.13 -16.93
C GLY A 82 -3.90 -22.66 -16.88
N LYS A 83 -4.55 -22.24 -15.79
CA LYS A 83 -4.99 -20.86 -15.67
C LYS A 83 -3.81 -19.93 -15.42
N GLY A 84 -3.00 -20.24 -14.40
CA GLY A 84 -1.95 -19.34 -13.96
C GLY A 84 -0.70 -19.46 -14.80
N PRO A 85 0.24 -18.55 -14.57
CA PRO A 85 1.52 -18.60 -15.29
C PRO A 85 2.32 -19.86 -14.94
N GLN A 86 2.96 -20.43 -15.96
CA GLN A 86 3.69 -21.68 -15.76
C GLN A 86 4.92 -21.49 -14.88
N ASN A 87 5.59 -20.34 -15.00
CA ASN A 87 6.82 -20.12 -14.24
C ASN A 87 6.57 -19.90 -12.75
N ALA A 88 5.35 -19.51 -12.37
CA ALA A 88 5.08 -19.16 -10.98
C ALA A 88 4.99 -20.38 -10.07
N PHE A 89 4.69 -21.56 -10.62
CA PHE A 89 4.53 -22.76 -9.81
C PHE A 89 5.88 -23.37 -9.47
N PHE A 90 5.98 -23.89 -8.25
CA PHE A 90 7.21 -24.51 -7.76
C PHE A 90 6.85 -25.78 -6.99
N LEU A 91 7.88 -26.47 -6.51
CA LEU A 91 7.71 -27.59 -5.61
C LEU A 91 8.82 -27.51 -4.57
N VAL A 92 8.46 -27.73 -3.31
CA VAL A 92 9.40 -27.68 -2.20
C VAL A 92 9.39 -29.02 -1.49
N LYS A 93 10.57 -29.56 -1.24
CA LYS A 93 10.74 -30.73 -0.36
C LYS A 93 11.28 -30.23 0.96
N PHE A 94 10.42 -30.14 1.96
CA PHE A 94 10.84 -29.72 3.29
C PHE A 94 11.41 -30.91 4.05
N TRP A 95 12.52 -30.69 4.74
CA TRP A 95 13.09 -31.68 5.66
C TRP A 95 12.86 -31.14 7.06
N ALA A 96 11.77 -31.58 7.68
CA ALA A 96 11.28 -30.95 8.90
C ALA A 96 12.07 -31.42 10.11
N ASP A 97 12.34 -30.48 11.03
CA ASP A 97 13.05 -30.77 12.26
C ASP A 97 12.01 -31.02 13.34
N LEU A 98 11.77 -32.29 13.65
CA LEU A 98 10.82 -32.68 14.68
C LEU A 98 11.49 -32.98 16.00
N ASN A 99 12.80 -32.70 16.11
CA ASN A 99 13.54 -32.99 17.33
C ASN A 99 13.42 -31.78 18.26
N CYS A 100 12.37 -31.80 19.07
CA CYS A 100 12.14 -30.75 20.06
C CYS A 100 11.35 -31.33 21.22
N ASN A 101 11.65 -30.85 22.43
CA ASN A 101 10.98 -31.34 23.62
C ASN A 101 9.59 -30.76 23.72
N ILE A 102 8.57 -31.62 23.74
CA ILE A 102 7.19 -31.20 23.87
C ILE A 102 6.74 -31.57 25.28
N GLN A 103 6.49 -30.57 26.11
CA GLN A 103 6.24 -30.80 27.52
C GLN A 103 4.93 -30.16 27.97
N ASP A 104 4.99 -29.42 29.07
CA ASP A 104 3.84 -28.64 29.53
C ASP A 104 3.36 -27.68 28.44
N ASP A 105 2.07 -27.37 28.47
CA ASP A 105 1.54 -26.34 27.58
C ASP A 105 2.24 -25.03 27.82
N ALA A 106 2.31 -24.61 29.09
CA ALA A 106 2.98 -23.37 29.52
C ALA A 106 2.49 -22.23 28.62
N GLY A 107 3.38 -21.41 28.08
CA GLY A 107 3.02 -20.43 27.08
C GLY A 107 3.56 -20.84 25.73
N ALA A 108 3.10 -21.96 25.21
CA ALA A 108 3.66 -22.49 23.96
C ALA A 108 2.78 -22.06 22.81
N PHE A 109 3.42 -21.70 21.70
CA PHE A 109 2.72 -21.16 20.55
C PHE A 109 3.27 -21.80 19.28
N TYR A 110 2.38 -22.27 18.42
CA TYR A 110 2.74 -22.80 17.12
C TYR A 110 2.38 -21.74 16.10
N GLY A 111 3.35 -21.31 15.30
CA GLY A 111 3.12 -20.19 14.42
C GLY A 111 3.89 -20.32 13.11
N VAL A 112 3.36 -19.69 12.09
CA VAL A 112 3.98 -19.64 10.78
C VAL A 112 4.19 -18.17 10.44
N THR A 113 5.44 -17.78 10.24
CA THR A 113 5.78 -16.41 9.88
C THR A 113 6.30 -16.41 8.45
N SER A 114 5.63 -15.65 7.58
CA SER A 114 6.01 -15.58 6.18
C SER A 114 6.18 -14.12 5.78
N GLN A 115 6.93 -13.91 4.71
CA GLN A 115 7.19 -12.57 4.19
C GLN A 115 7.38 -12.66 2.68
N TYR A 116 6.74 -11.75 1.96
CA TYR A 116 6.84 -11.70 0.52
C TYR A 116 7.15 -10.25 0.16
N GLU A 117 8.06 -10.06 -0.78
CA GLU A 117 8.40 -8.72 -1.25
C GLU A 117 8.19 -8.68 -2.76
N SER A 118 7.63 -7.57 -3.23
CA SER A 118 7.23 -7.45 -4.63
C SER A 118 7.56 -6.07 -5.17
N SER A 119 7.83 -6.03 -6.47
CA SER A 119 8.10 -4.77 -7.14
C SER A 119 6.83 -3.92 -7.22
N GLU A 120 5.71 -4.54 -7.53
CA GLU A 120 4.44 -3.85 -7.76
C GLU A 120 3.59 -3.82 -6.49
N ASN A 121 2.68 -2.86 -6.45
CA ASN A 121 1.75 -2.71 -5.33
C ASN A 121 0.45 -3.44 -5.62
N MET A 122 0.01 -4.27 -4.67
CA MET A 122 -1.21 -5.03 -4.86
C MET A 122 -1.68 -5.56 -3.51
N THR A 123 -2.91 -6.08 -3.51
CA THR A 123 -3.46 -6.76 -2.35
C THR A 123 -3.29 -8.27 -2.56
N VAL A 124 -2.70 -8.93 -1.57
CA VAL A 124 -2.22 -10.30 -1.72
C VAL A 124 -3.02 -11.21 -0.81
N THR A 125 -3.45 -12.36 -1.35
CA THR A 125 -4.22 -13.36 -0.61
C THR A 125 -3.40 -14.64 -0.55
N CYS A 126 -3.13 -15.10 0.67
CA CYS A 126 -2.33 -16.29 0.92
C CYS A 126 -3.23 -17.44 1.34
N SER A 127 -3.40 -18.42 0.47
CA SER A 127 -4.27 -19.57 0.73
C SER A 127 -3.39 -20.76 1.06
N THR A 128 -3.39 -21.17 2.33
CA THR A 128 -2.60 -22.32 2.77
C THR A 128 -3.57 -23.48 2.97
N LYS A 129 -3.46 -24.49 2.12
CA LYS A 129 -4.32 -25.67 2.19
C LYS A 129 -3.46 -26.85 2.63
N VAL A 130 -3.71 -27.34 3.84
CA VAL A 130 -3.02 -28.53 4.32
C VAL A 130 -3.90 -29.72 3.97
N CYS A 131 -3.38 -30.57 3.08
CA CYS A 131 -4.12 -31.69 2.52
C CYS A 131 -3.60 -33.02 3.02
N SER A 132 -4.52 -33.97 3.18
CA SER A 132 -4.21 -35.32 3.64
C SER A 132 -4.89 -36.28 2.67
N PHE A 133 -4.11 -37.18 2.08
CA PHE A 133 -4.60 -38.14 1.09
C PHE A 133 -5.20 -37.44 -0.13
N GLY A 134 -4.62 -36.29 -0.50
CA GLY A 134 -5.05 -35.56 -1.67
C GLY A 134 -6.36 -34.81 -1.56
N LYS A 135 -6.93 -34.72 -0.37
CA LYS A 135 -8.13 -33.94 -0.14
C LYS A 135 -7.82 -32.86 0.89
N GLN A 136 -8.26 -31.63 0.62
CA GLN A 136 -7.95 -30.52 1.51
C GLN A 136 -8.69 -30.70 2.84
N VAL A 137 -7.93 -30.72 3.92
CA VAL A 137 -8.50 -30.91 5.25
C VAL A 137 -8.78 -29.56 5.90
N VAL A 138 -7.83 -28.63 5.80
CA VAL A 138 -7.91 -27.32 6.42
C VAL A 138 -7.35 -26.30 5.44
N GLU A 139 -8.07 -25.19 5.26
CA GLU A 139 -7.62 -24.08 4.41
C GLU A 139 -7.53 -22.80 5.22
N LYS A 140 -6.39 -22.12 5.13
CA LYS A 140 -6.17 -20.85 5.80
C LYS A 140 -5.99 -19.77 4.73
N VAL A 141 -6.95 -18.85 4.64
CA VAL A 141 -6.87 -17.74 3.71
C VAL A 141 -6.60 -16.48 4.51
N GLU A 142 -5.54 -15.76 4.13
CA GLU A 142 -5.13 -14.53 4.78
C GLU A 142 -4.88 -13.50 3.69
N THR A 143 -5.17 -12.25 4.00
CA THR A 143 -5.00 -11.16 3.06
C THR A 143 -4.10 -10.09 3.69
N GLU A 144 -3.08 -9.66 2.95
CA GLU A 144 -2.11 -8.70 3.45
C GLU A 144 -2.02 -7.51 2.51
N TYR A 145 -1.89 -6.32 3.09
CA TYR A 145 -1.80 -5.06 2.37
C TYR A 145 -0.33 -4.69 2.18
N ALA A 146 -0.09 -3.86 1.17
CA ALA A 146 1.28 -3.52 0.80
C ALA A 146 1.90 -2.56 1.81
N ARG A 147 3.19 -2.76 2.09
CA ARG A 147 3.99 -1.81 2.85
C ARG A 147 5.25 -1.52 2.05
N PHE A 148 5.55 -0.23 1.86
CA PHE A 148 6.72 0.18 1.10
C PHE A 148 7.92 0.22 2.04
N GLU A 149 8.86 -0.69 1.84
CA GLU A 149 10.06 -0.77 2.66
C GLU A 149 11.26 -0.96 1.74
N ASN A 150 12.23 -0.06 1.82
CA ASN A 150 13.50 -0.17 1.13
C ASN A 150 13.31 -0.39 -0.38
N GLY A 151 12.56 0.52 -0.99
CA GLY A 151 12.41 0.52 -2.43
C GLY A 151 11.57 -0.59 -3.03
N ARG A 152 10.83 -1.33 -2.22
CA ARG A 152 9.94 -2.34 -2.75
C ARG A 152 8.75 -2.47 -1.79
N PHE A 153 7.77 -3.29 -2.20
CA PHE A 153 6.58 -3.53 -1.41
C PHE A 153 6.74 -4.87 -0.72
N VAL A 154 6.66 -4.86 0.61
CA VAL A 154 6.90 -6.03 1.44
C VAL A 154 5.58 -6.44 2.08
N TYR A 155 5.17 -7.69 1.85
CA TYR A 155 4.00 -8.28 2.49
C TYR A 155 4.47 -9.23 3.58
N ARG A 156 4.18 -8.91 4.83
CA ARG A 156 4.63 -9.70 5.97
C ARG A 156 3.42 -10.28 6.70
N ILE A 157 3.42 -11.60 6.84
CA ILE A 157 2.40 -12.32 7.59
C ILE A 157 3.08 -12.82 8.86
N ASN A 158 2.84 -12.14 9.98
CA ASN A 158 3.62 -12.33 11.19
C ASN A 158 2.84 -13.16 12.20
N ARG A 159 3.45 -14.26 12.66
CA ARG A 159 2.93 -15.09 13.75
C ARG A 159 1.52 -15.60 13.44
N SER A 160 1.38 -16.28 12.32
CA SER A 160 0.12 -16.94 11.99
C SER A 160 -0.13 -18.08 12.96
N PRO A 161 -1.16 -18.03 13.81
CA PRO A 161 -1.40 -19.13 14.75
C PRO A 161 -1.71 -20.42 14.01
N MET A 162 -1.00 -21.48 14.37
CA MET A 162 -1.15 -22.75 13.68
C MET A 162 -2.50 -23.38 13.98
N CYS A 163 -3.04 -24.07 12.98
CA CYS A 163 -4.32 -24.73 13.11
C CYS A 163 -4.25 -25.79 14.23
N GLU A 164 -5.37 -25.96 14.92
CA GLU A 164 -5.42 -26.99 15.95
C GLU A 164 -5.19 -28.38 15.35
N TYR A 165 -5.62 -28.57 14.09
CA TYR A 165 -5.37 -29.81 13.39
C TYR A 165 -3.87 -30.07 13.25
N MET A 166 -3.10 -29.04 12.89
CA MET A 166 -1.68 -29.21 12.65
C MET A 166 -0.92 -29.49 13.95
N ILE A 167 -1.34 -28.90 15.07
CA ILE A 167 -0.65 -29.14 16.33
C ILE A 167 -0.88 -30.57 16.78
N ASN A 168 -2.14 -31.03 16.74
CA ASN A 168 -2.41 -32.43 17.04
C ASN A 168 -1.73 -33.36 16.05
N PHE A 169 -1.54 -32.90 14.81
CA PHE A 169 -0.82 -33.69 13.82
C PHE A 169 0.65 -33.87 14.21
N ILE A 170 1.30 -32.78 14.61
CA ILE A 170 2.70 -32.86 15.04
C ILE A 170 2.84 -33.79 16.24
N HIS A 171 1.88 -33.73 17.18
CA HIS A 171 1.89 -34.64 18.31
C HIS A 171 1.77 -36.09 17.84
N LYS A 172 0.97 -36.31 16.78
CA LYS A 172 0.84 -37.65 16.23
C LYS A 172 2.17 -38.16 15.67
N LEU A 173 2.97 -37.25 15.12
CA LEU A 173 4.27 -37.65 14.55
C LEU A 173 5.27 -38.01 15.63
N LYS A 174 5.39 -37.16 16.65
CA LYS A 174 6.43 -37.36 17.66
C LYS A 174 6.21 -38.64 18.46
N HIS A 175 4.95 -39.05 18.63
CA HIS A 175 4.66 -40.29 19.35
C HIS A 175 5.11 -41.53 18.58
N LEU A 176 5.26 -41.42 17.26
CA LEU A 176 5.69 -42.56 16.45
C LEU A 176 7.07 -43.04 16.91
N PRO A 177 7.28 -44.35 17.02
CA PRO A 177 8.54 -44.87 17.60
C PRO A 177 9.76 -44.65 16.72
N GLU A 178 9.67 -45.04 15.45
CA GLU A 178 10.81 -45.03 14.54
C GLU A 178 10.58 -44.01 13.44
N LYS A 179 11.65 -43.25 13.14
CA LYS A 179 11.59 -42.19 12.14
C LYS A 179 11.10 -42.70 10.79
N TYR A 180 11.59 -43.88 10.37
CA TYR A 180 11.16 -44.46 9.09
C TYR A 180 9.64 -44.51 8.95
N MET A 181 8.92 -44.62 10.07
CA MET A 181 7.47 -44.61 10.01
C MET A 181 6.93 -43.24 9.67
N MET A 182 7.52 -42.18 10.23
CA MET A 182 7.03 -40.83 10.01
C MET A 182 7.06 -40.47 8.52
N ASN A 183 8.17 -40.74 7.85
CA ASN A 183 8.26 -40.46 6.42
C ASN A 183 7.16 -41.18 5.63
N SER A 184 6.67 -42.31 6.15
CA SER A 184 5.63 -43.06 5.44
C SER A 184 4.29 -42.34 5.50
N VAL A 185 3.89 -41.83 6.67
CA VAL A 185 2.61 -41.13 6.77
C VAL A 185 2.70 -39.77 6.09
N LEU A 186 3.85 -39.08 6.21
CA LEU A 186 4.04 -37.78 5.58
C LEU A 186 3.99 -37.84 4.06
N GLU A 187 4.03 -39.02 3.46
CA GLU A 187 3.85 -39.14 2.02
C GLU A 187 2.45 -38.67 1.61
N ASN A 188 1.48 -38.83 2.51
CA ASN A 188 0.10 -38.39 2.28
C ASN A 188 -0.17 -37.00 2.83
N PHE A 189 0.84 -36.34 3.40
CA PHE A 189 0.69 -35.01 4.00
C PHE A 189 1.31 -33.98 3.07
N THR A 190 0.48 -33.08 2.55
CA THR A 190 0.93 -32.06 1.62
C THR A 190 0.31 -30.73 1.99
N ILE A 191 1.01 -29.65 1.62
CA ILE A 191 0.56 -28.29 1.87
C ILE A 191 0.79 -27.48 0.61
N LEU A 192 -0.26 -26.88 0.08
CA LEU A 192 -0.21 -26.14 -1.19
C LEU A 192 -0.43 -24.66 -0.90
N LEU A 193 0.66 -23.89 -0.90
CA LEU A 193 0.57 -22.44 -0.83
C LEU A 193 0.22 -21.86 -2.19
N VAL A 194 -0.77 -20.99 -2.22
CA VAL A 194 -1.20 -20.33 -3.43
C VAL A 194 -1.38 -18.85 -3.09
N VAL A 195 -0.47 -18.01 -3.58
CA VAL A 195 -0.50 -16.58 -3.32
C VAL A 195 -1.10 -15.89 -4.52
N THR A 196 -2.15 -15.10 -4.30
CA THR A 196 -2.94 -14.55 -5.38
C THR A 196 -3.16 -13.06 -5.19
N ASN A 197 -3.34 -12.37 -6.31
CA ASN A 197 -3.76 -10.96 -6.31
C ASN A 197 -5.28 -10.90 -6.19
N ARG A 198 -5.77 -10.25 -5.14
CA ARG A 198 -7.21 -10.18 -4.90
C ARG A 198 -7.92 -9.43 -6.02
N ASP A 199 -7.38 -8.28 -6.43
CA ASP A 199 -8.07 -7.43 -7.40
C ASP A 199 -8.09 -8.06 -8.80
N THR A 200 -6.98 -8.64 -9.23
CA THR A 200 -6.88 -9.18 -10.58
C THR A 200 -7.24 -10.66 -10.67
N GLN A 201 -7.25 -11.38 -9.54
CA GLN A 201 -7.57 -12.81 -9.51
C GLN A 201 -6.55 -13.59 -10.34
N GLU A 202 -5.30 -13.15 -10.28
CA GLU A 202 -4.19 -13.71 -11.04
C GLU A 202 -3.25 -14.44 -10.11
N THR A 203 -2.82 -15.64 -10.51
CA THR A 203 -1.88 -16.40 -9.70
C THR A 203 -0.54 -15.67 -9.66
N LEU A 204 -0.03 -15.44 -8.46
CA LEU A 204 1.23 -14.74 -8.28
C LEU A 204 2.38 -15.67 -7.95
N LEU A 205 2.13 -16.68 -7.10
CA LEU A 205 3.15 -17.63 -6.71
C LEU A 205 2.43 -18.88 -6.20
N CYS A 206 3.05 -20.04 -6.40
CA CYS A 206 2.45 -21.29 -5.95
C CYS A 206 3.53 -22.25 -5.51
N MET A 207 3.38 -22.79 -4.29
CA MET A 207 4.37 -23.69 -3.70
C MET A 207 3.67 -24.98 -3.30
N ALA A 208 3.95 -26.05 -4.03
CA ALA A 208 3.52 -27.38 -3.62
C ALA A 208 4.60 -27.94 -2.71
N CYS A 209 4.24 -28.26 -1.46
CA CYS A 209 5.20 -28.66 -0.46
C CYS A 209 4.93 -30.09 -0.02
N VAL A 210 5.98 -30.91 -0.04
CA VAL A 210 5.95 -32.24 0.54
C VAL A 210 6.98 -32.29 1.65
N PHE A 211 6.71 -33.11 2.67
CA PHE A 211 7.48 -33.09 3.90
C PHE A 211 8.08 -34.45 4.21
N GLU A 212 9.29 -34.42 4.75
CA GLU A 212 9.99 -35.59 5.26
C GLU A 212 10.76 -35.17 6.51
N VAL A 213 11.05 -36.12 7.38
CA VAL A 213 11.84 -35.81 8.56
C VAL A 213 13.33 -35.87 8.22
N SER A 214 14.09 -34.90 8.73
CA SER A 214 15.53 -34.87 8.61
C SER A 214 16.15 -35.38 9.90
N ASN A 215 17.04 -36.36 9.80
CA ASN A 215 17.74 -36.91 10.96
C ASN A 215 19.00 -36.09 11.23
N SER A 216 19.00 -35.32 12.31
CA SER A 216 20.17 -34.59 12.77
C SER A 216 19.94 -34.20 14.22
N GLU A 217 21.02 -33.80 14.89
CA GLU A 217 20.88 -33.31 16.27
C GLU A 217 20.08 -32.02 16.31
N HIS A 218 20.29 -31.14 15.32
CA HIS A 218 19.54 -29.89 15.21
C HIS A 218 19.81 -29.35 13.81
N GLY A 219 18.90 -29.63 12.88
CA GLY A 219 18.99 -29.02 11.57
C GLY A 219 17.70 -29.17 10.78
N ALA A 220 17.55 -28.28 9.79
CA ALA A 220 16.45 -28.31 8.85
C ALA A 220 16.98 -28.08 7.45
N GLN A 221 16.50 -28.87 6.49
CA GLN A 221 16.95 -28.81 5.11
C GLN A 221 15.74 -28.61 4.20
N HIS A 222 15.98 -28.05 3.03
CA HIS A 222 14.89 -27.90 2.07
C HIS A 222 15.46 -27.80 0.65
N HIS A 223 14.71 -28.35 -0.30
CA HIS A 223 15.05 -28.33 -1.72
C HIS A 223 13.89 -27.73 -2.50
N ILE A 224 14.21 -26.92 -3.51
CA ILE A 224 13.21 -26.20 -4.29
C ILE A 224 13.32 -26.62 -5.74
N TYR A 225 12.20 -27.04 -6.32
CA TYR A 225 12.13 -27.43 -7.72
C TYR A 225 11.06 -26.62 -8.43
N ARG A 226 11.19 -26.54 -9.76
CA ARG A 226 10.25 -25.81 -10.61
C ARG A 226 9.37 -26.80 -11.36
N LEU A 227 8.06 -26.56 -11.35
CA LEU A 227 7.09 -27.48 -11.94
C LEU A 227 6.90 -27.19 -13.43
N VAL A 228 6.88 -28.26 -14.23
CA VAL A 228 6.70 -28.16 -15.68
C VAL A 228 5.87 -29.34 -16.17
N LYS A 229 5.17 -29.13 -17.28
CA LYS A 229 4.41 -30.17 -17.96
C LYS A 229 5.20 -30.64 -19.18
N ASP A 230 5.63 -31.90 -19.16
CA ASP A 230 6.31 -32.48 -20.33
C ASP A 230 6.19 -34.01 -20.34
N SER B 14 -28.47 -9.79 19.35
CA SER B 14 -28.74 -10.65 18.20
C SER B 14 -27.43 -11.10 17.56
N ILE B 15 -26.85 -12.16 18.12
CA ILE B 15 -25.55 -12.68 17.73
C ILE B 15 -24.53 -11.55 17.79
N GLY B 16 -24.43 -10.91 18.95
CA GLY B 16 -23.47 -9.84 19.15
C GLY B 16 -23.01 -9.78 20.58
N THR B 17 -21.86 -9.12 20.78
CA THR B 17 -21.30 -8.83 22.09
C THR B 17 -20.99 -7.35 22.15
N THR B 18 -20.45 -6.89 23.28
CA THR B 18 -19.96 -5.52 23.36
C THR B 18 -18.75 -5.32 22.45
N LYS B 19 -17.93 -6.36 22.29
CA LYS B 19 -16.74 -6.26 21.46
C LYS B 19 -17.05 -6.42 19.97
N LEU B 20 -17.93 -7.36 19.62
CA LEU B 20 -18.19 -7.64 18.21
C LEU B 20 -19.63 -8.08 18.03
N ARG B 21 -20.21 -7.70 16.90
CA ARG B 21 -21.56 -8.09 16.51
C ARG B 21 -21.56 -8.61 15.08
N LEU B 22 -22.41 -9.60 14.82
CA LEU B 22 -22.57 -10.15 13.48
C LEU B 22 -23.63 -9.33 12.74
N VAL B 23 -23.23 -8.72 11.63
CA VAL B 23 -24.15 -7.90 10.84
C VAL B 23 -24.91 -8.74 9.82
N GLU B 24 -24.22 -9.55 9.04
CA GLU B 24 -24.87 -10.33 8.00
C GLU B 24 -24.12 -11.64 7.77
N PHE B 25 -24.87 -12.70 7.55
CA PHE B 25 -24.33 -14.00 7.20
C PHE B 25 -25.25 -14.60 6.15
N SER B 26 -24.71 -14.91 4.97
CA SER B 26 -25.50 -15.47 3.90
C SER B 26 -24.66 -16.47 3.11
N ALA B 27 -25.34 -17.46 2.53
CA ALA B 27 -24.71 -18.49 1.71
C ALA B 27 -25.61 -18.70 0.51
N PHE B 28 -25.06 -18.49 -0.68
CA PHE B 28 -25.89 -18.32 -1.86
C PHE B 28 -25.35 -19.11 -3.04
N LEU B 29 -26.16 -19.18 -4.08
CA LEU B 29 -25.79 -19.74 -5.36
C LEU B 29 -26.13 -18.74 -6.45
N GLU B 30 -25.14 -18.36 -7.25
CA GLU B 30 -25.32 -17.42 -8.34
C GLU B 30 -25.26 -18.17 -9.66
N GLN B 31 -26.26 -17.94 -10.51
CA GLN B 31 -26.33 -18.62 -11.80
C GLN B 31 -25.95 -17.67 -12.94
N TYR B 38 -28.15 -14.27 -13.83
CA TYR B 38 -29.40 -13.53 -13.93
C TYR B 38 -30.18 -13.61 -12.63
N ASN B 39 -29.81 -14.53 -11.75
CA ASN B 39 -30.48 -14.67 -10.47
C ASN B 39 -29.53 -15.29 -9.45
N LYS B 40 -29.73 -14.94 -8.19
CA LYS B 40 -28.93 -15.44 -7.08
C LYS B 40 -29.87 -15.94 -5.99
N HIS B 41 -29.83 -17.24 -5.72
CA HIS B 41 -30.73 -17.86 -4.75
C HIS B 41 -29.93 -18.25 -3.52
N LEU B 42 -30.36 -17.75 -2.37
CA LEU B 42 -29.66 -17.93 -1.10
C LEU B 42 -30.12 -19.20 -0.40
N PHE B 43 -29.17 -19.90 0.22
CA PHE B 43 -29.51 -21.07 1.03
C PHE B 43 -29.94 -20.68 2.43
N VAL B 44 -29.18 -19.79 3.08
CA VAL B 44 -29.50 -19.30 4.41
C VAL B 44 -29.18 -17.81 4.48
N HIS B 45 -29.72 -17.15 5.49
CA HIS B 45 -29.56 -15.72 5.65
C HIS B 45 -29.68 -15.36 7.13
N ILE B 46 -28.96 -14.32 7.54
CA ILE B 46 -29.03 -13.83 8.90
C ILE B 46 -28.93 -12.31 8.90
N PRO B 56 -36.42 -7.77 21.06
CA PRO B 56 -36.93 -9.02 21.63
C PRO B 56 -35.83 -9.89 22.22
N LEU B 57 -35.96 -10.24 23.49
CA LEU B 57 -34.97 -11.12 24.12
C LEU B 57 -35.05 -12.50 23.48
N LEU B 58 -33.90 -13.13 23.30
CA LEU B 58 -33.81 -14.43 22.65
C LEU B 58 -33.85 -15.55 23.68
N GLU B 59 -34.57 -16.61 23.34
CA GLU B 59 -34.71 -17.75 24.23
C GLU B 59 -33.39 -18.50 24.35
N SER B 60 -33.04 -18.89 25.56
CA SER B 60 -31.77 -19.55 25.81
C SER B 60 -31.92 -21.07 25.68
N VAL B 61 -30.77 -21.73 25.51
CA VAL B 61 -30.71 -23.19 25.36
C VAL B 61 -29.54 -23.72 26.17
N ASP B 62 -29.77 -24.84 26.85
CA ASP B 62 -28.70 -25.54 27.55
C ASP B 62 -27.67 -26.01 26.52
N ILE B 63 -26.40 -25.71 26.77
CA ILE B 63 -25.37 -26.08 25.81
C ILE B 63 -25.12 -27.58 25.82
N ARG B 64 -25.21 -28.21 27.00
CA ARG B 64 -25.00 -29.65 27.10
C ARG B 64 -25.90 -30.42 26.15
N GLN B 65 -27.03 -29.83 25.75
CA GLN B 65 -27.95 -30.48 24.84
C GLN B 65 -27.30 -30.77 23.48
N ILE B 66 -26.49 -29.83 22.99
CA ILE B 66 -25.88 -29.96 21.66
C ILE B 66 -24.41 -30.38 21.74
N TYR B 67 -23.95 -30.83 22.91
CA TYR B 67 -22.57 -31.28 23.05
C TYR B 67 -22.20 -32.36 22.04
N ASP B 68 -23.12 -33.31 21.81
CA ASP B 68 -22.83 -34.44 20.93
C ASP B 68 -22.63 -34.00 19.49
N LYS B 69 -23.28 -32.92 19.07
CA LYS B 69 -23.30 -32.50 17.67
C LYS B 69 -22.00 -31.81 17.23
N PHE B 70 -21.17 -31.35 18.16
CA PHE B 70 -19.94 -30.65 17.83
C PHE B 70 -18.72 -31.33 18.42
N PRO B 71 -17.50 -30.96 18.02
CA PRO B 71 -16.30 -31.64 18.55
C PRO B 71 -16.17 -31.48 20.06
N GLU B 72 -15.77 -32.57 20.73
CA GLU B 72 -15.63 -32.61 22.17
C GLU B 72 -14.17 -32.70 22.64
N LYS B 73 -13.20 -32.75 21.72
CA LYS B 73 -11.81 -32.92 22.12
C LYS B 73 -11.18 -31.58 22.49
N LYS B 74 -9.86 -31.48 22.38
CA LYS B 74 -9.18 -30.22 22.66
C LYS B 74 -9.59 -29.17 21.64
N GLY B 75 -9.95 -27.99 22.12
CA GLY B 75 -10.53 -27.00 21.24
C GLY B 75 -11.98 -27.25 20.90
N GLY B 76 -12.68 -28.05 21.72
CA GLY B 76 -14.06 -28.38 21.48
C GLY B 76 -15.03 -27.37 22.06
N LEU B 77 -16.31 -27.56 21.73
CA LEU B 77 -17.34 -26.63 22.20
C LEU B 77 -17.40 -26.60 23.72
N LYS B 78 -17.32 -27.77 24.37
CA LYS B 78 -17.27 -27.80 25.83
C LYS B 78 -16.06 -27.06 26.36
N GLU B 79 -14.91 -27.23 25.71
CA GLU B 79 -13.70 -26.55 26.14
C GLU B 79 -13.79 -25.04 25.86
N LEU B 80 -14.35 -24.67 24.72
CA LEU B 80 -14.43 -23.26 24.35
C LEU B 80 -15.32 -22.47 25.30
N PHE B 81 -16.43 -23.07 25.74
CA PHE B 81 -17.32 -22.38 26.68
C PHE B 81 -16.60 -22.09 27.99
N GLY B 82 -15.77 -23.02 28.44
CA GLY B 82 -14.99 -22.79 29.64
C GLY B 82 -13.90 -21.75 29.46
N LYS B 83 -13.47 -21.50 28.24
CA LYS B 83 -12.35 -20.61 27.97
C LYS B 83 -12.80 -19.18 27.69
N GLY B 84 -13.65 -18.99 26.69
CA GLY B 84 -14.00 -17.66 26.24
C GLY B 84 -15.13 -17.05 27.04
N PRO B 85 -15.48 -15.81 26.73
CA PRO B 85 -16.61 -15.16 27.40
C PRO B 85 -17.88 -15.98 27.23
N GLN B 86 -18.61 -16.14 28.33
CA GLN B 86 -19.79 -17.01 28.32
C GLN B 86 -20.87 -16.46 27.40
N ASN B 87 -21.03 -15.14 27.35
CA ASN B 87 -22.07 -14.53 26.53
C ASN B 87 -21.76 -14.61 25.04
N ALA B 88 -20.50 -14.88 24.67
CA ALA B 88 -20.12 -14.92 23.26
C ALA B 88 -20.83 -16.03 22.51
N PHE B 89 -21.08 -17.17 23.16
CA PHE B 89 -21.55 -18.36 22.48
C PHE B 89 -23.05 -18.29 22.18
N PHE B 90 -23.44 -18.85 21.03
CA PHE B 90 -24.81 -18.74 20.52
C PHE B 90 -25.20 -20.06 19.86
N LEU B 91 -26.46 -20.12 19.40
CA LEU B 91 -26.98 -21.24 18.61
C LEU B 91 -27.87 -20.69 17.52
N VAL B 92 -27.81 -21.30 16.34
CA VAL B 92 -28.59 -20.86 15.20
C VAL B 92 -29.19 -22.08 14.51
N LYS B 93 -30.50 -22.24 14.61
CA LYS B 93 -31.22 -23.29 13.89
C LYS B 93 -31.59 -22.76 12.51
N PHE B 94 -30.96 -23.30 11.47
CA PHE B 94 -31.20 -22.84 10.11
C PHE B 94 -32.29 -23.65 9.44
N TRP B 95 -33.12 -22.98 8.65
CA TRP B 95 -34.06 -23.63 7.73
C TRP B 95 -33.60 -23.25 6.32
N ALA B 96 -32.79 -24.11 5.72
CA ALA B 96 -32.15 -23.77 4.45
C ALA B 96 -33.07 -24.07 3.28
N ASP B 97 -33.10 -23.14 2.31
CA ASP B 97 -33.93 -23.30 1.12
C ASP B 97 -33.10 -24.08 0.10
N LEU B 98 -33.26 -25.40 0.13
CA LEU B 98 -32.52 -26.30 -0.75
C LEU B 98 -33.08 -26.38 -2.16
N ASN B 99 -34.21 -25.73 -2.45
CA ASN B 99 -34.78 -25.77 -3.79
C ASN B 99 -34.06 -24.77 -4.68
N CYS B 100 -33.59 -25.24 -5.84
CA CYS B 100 -33.03 -24.43 -6.92
C CYS B 100 -32.71 -25.36 -8.08
N ASN B 101 -32.58 -24.79 -9.28
CA ASN B 101 -32.16 -25.57 -10.44
C ASN B 101 -30.64 -25.58 -10.55
N ILE B 102 -30.08 -26.76 -10.76
CA ILE B 102 -28.62 -26.88 -10.93
C ILE B 102 -28.34 -27.27 -12.37
N ALA B 106 -22.60 -26.93 -12.42
CA ALA B 106 -22.83 -26.21 -13.67
C ALA B 106 -21.80 -25.09 -13.86
N GLY B 107 -22.25 -23.99 -14.47
CA GLY B 107 -21.40 -22.84 -14.69
C GLY B 107 -21.58 -21.78 -13.62
N ALA B 108 -22.08 -22.21 -12.47
CA ALA B 108 -22.47 -21.34 -11.38
C ALA B 108 -21.32 -21.17 -10.37
N PHE B 109 -21.60 -20.47 -9.27
CA PHE B 109 -20.62 -20.17 -8.23
C PHE B 109 -21.32 -20.21 -6.88
N TYR B 110 -20.77 -20.99 -5.95
CA TYR B 110 -21.26 -21.12 -4.59
C TYR B 110 -20.39 -20.30 -3.65
N GLY B 111 -21.00 -19.39 -2.90
CA GLY B 111 -20.23 -18.47 -2.08
C GLY B 111 -20.92 -18.16 -0.77
N VAL B 112 -20.10 -17.76 0.20
CA VAL B 112 -20.54 -17.37 1.53
C VAL B 112 -20.05 -15.95 1.79
N THR B 113 -20.97 -15.07 2.17
CA THR B 113 -20.65 -13.67 2.47
C THR B 113 -21.05 -13.39 3.91
N SER B 114 -20.06 -13.04 4.73
CA SER B 114 -20.30 -12.71 6.13
C SER B 114 -19.69 -11.36 6.43
N GLN B 115 -20.33 -10.63 7.34
CA GLN B 115 -19.92 -9.27 7.67
C GLN B 115 -20.09 -9.06 9.17
N TYR B 116 -19.03 -8.61 9.82
CA TYR B 116 -19.04 -8.36 11.26
C TYR B 116 -18.77 -6.89 11.52
N GLU B 117 -18.87 -6.50 12.79
CA GLU B 117 -18.74 -5.11 13.19
C GLU B 117 -18.14 -5.06 14.59
N SER B 118 -17.37 -4.02 14.88
CA SER B 118 -16.73 -3.93 16.17
C SER B 118 -16.54 -2.48 16.57
N SER B 119 -16.33 -2.28 17.87
CA SER B 119 -16.14 -0.96 18.47
C SER B 119 -14.69 -0.50 18.41
N GLU B 120 -13.76 -1.43 18.57
CA GLU B 120 -12.33 -1.14 18.55
C GLU B 120 -11.69 -1.88 17.39
N ASN B 121 -10.57 -1.35 16.90
CA ASN B 121 -9.84 -1.99 15.82
C ASN B 121 -9.07 -3.19 16.32
N MET B 122 -9.16 -4.30 15.58
CA MET B 122 -8.42 -5.51 15.89
C MET B 122 -8.51 -6.44 14.70
N THR B 123 -7.48 -7.27 14.53
CA THR B 123 -7.48 -8.28 13.48
C THR B 123 -8.32 -9.48 13.92
N VAL B 124 -9.24 -9.92 13.06
CA VAL B 124 -10.25 -10.92 13.38
C VAL B 124 -10.05 -12.15 12.52
N THR B 125 -10.23 -13.33 13.14
CA THR B 125 -10.13 -14.61 12.46
C THR B 125 -11.45 -15.35 12.60
N CYS B 126 -12.03 -15.74 11.46
CA CYS B 126 -13.31 -16.44 11.41
C CYS B 126 -13.05 -17.88 10.99
N SER B 127 -13.21 -18.81 11.92
CA SER B 127 -12.96 -20.22 11.68
C SER B 127 -14.27 -20.94 11.39
N THR B 128 -14.39 -21.48 10.18
CA THR B 128 -15.56 -22.24 9.77
C THR B 128 -15.24 -23.73 9.88
N LYS B 129 -15.92 -24.42 10.81
CA LYS B 129 -15.78 -25.86 10.98
C LYS B 129 -17.08 -26.53 10.54
N VAL B 130 -17.03 -27.28 9.44
CA VAL B 130 -18.16 -28.08 8.99
C VAL B 130 -17.97 -29.50 9.52
N CYS B 131 -18.99 -30.01 10.21
CA CYS B 131 -18.88 -31.31 10.87
C CYS B 131 -20.00 -32.24 10.43
N SER B 132 -19.67 -33.53 10.38
CA SER B 132 -20.63 -34.59 10.13
C SER B 132 -20.60 -35.52 11.33
N PHE B 133 -21.77 -35.73 11.94
CA PHE B 133 -21.89 -36.57 13.14
C PHE B 133 -20.98 -36.06 14.25
N GLY B 134 -20.84 -34.74 14.34
CA GLY B 134 -19.97 -34.15 15.34
C GLY B 134 -18.49 -34.32 15.09
N LYS B 135 -18.11 -34.77 13.90
CA LYS B 135 -16.72 -35.01 13.55
C LYS B 135 -16.28 -33.94 12.56
N GLN B 136 -15.28 -33.16 12.93
CA GLN B 136 -14.79 -32.08 12.07
C GLN B 136 -14.32 -32.63 10.73
N VAL B 137 -15.11 -32.44 9.69
CA VAL B 137 -14.73 -32.92 8.36
C VAL B 137 -13.73 -31.97 7.71
N VAL B 138 -14.12 -30.70 7.58
CA VAL B 138 -13.34 -29.70 6.89
C VAL B 138 -13.36 -28.42 7.72
N GLU B 139 -12.23 -27.71 7.75
CA GLU B 139 -12.14 -26.42 8.43
C GLU B 139 -11.57 -25.41 7.44
N LYS B 140 -12.24 -24.27 7.31
CA LYS B 140 -11.75 -23.18 6.48
C LYS B 140 -11.66 -21.95 7.38
N VAL B 141 -10.44 -21.59 7.76
CA VAL B 141 -10.20 -20.50 8.69
C VAL B 141 -9.68 -19.30 7.91
N GLU B 142 -10.34 -18.16 8.09
CA GLU B 142 -10.06 -16.94 7.37
C GLU B 142 -9.76 -15.83 8.36
N THR B 143 -8.72 -15.05 8.09
CA THR B 143 -8.35 -13.93 8.92
C THR B 143 -8.61 -12.65 8.13
N GLU B 144 -9.27 -11.68 8.77
CA GLU B 144 -9.67 -10.46 8.10
C GLU B 144 -9.16 -9.25 8.88
N TYR B 145 -8.78 -8.21 8.15
CA TYR B 145 -8.33 -6.97 8.75
C TYR B 145 -9.49 -5.98 8.85
N ALA B 146 -9.39 -5.09 9.84
CA ALA B 146 -10.41 -4.07 10.01
C ALA B 146 -10.40 -3.08 8.87
N ARG B 147 -11.59 -2.70 8.40
CA ARG B 147 -11.76 -1.64 7.43
C ARG B 147 -12.72 -0.63 8.03
N PHE B 148 -12.22 0.58 8.29
CA PHE B 148 -13.00 1.59 9.00
C PHE B 148 -14.05 2.15 8.05
N GLU B 149 -15.32 1.92 8.34
CA GLU B 149 -16.42 2.34 7.49
C GLU B 149 -17.49 3.04 8.32
N ASN B 150 -17.75 4.31 7.98
CA ASN B 150 -18.82 5.09 8.59
C ASN B 150 -18.71 5.12 10.11
N GLY B 151 -17.50 5.39 10.59
CA GLY B 151 -17.28 5.56 12.01
C GLY B 151 -17.18 4.29 12.81
N ARG B 152 -17.25 3.14 12.17
CA ARG B 152 -17.17 1.85 12.83
C ARG B 152 -16.21 0.94 12.06
N PHE B 153 -15.68 -0.04 12.77
CA PHE B 153 -14.78 -1.04 12.18
C PHE B 153 -15.61 -2.19 11.61
N VAL B 154 -15.39 -2.49 10.33
CA VAL B 154 -16.21 -3.47 9.60
C VAL B 154 -15.32 -4.61 9.13
N TYR B 155 -15.62 -5.82 9.59
CA TYR B 155 -14.99 -7.04 9.10
C TYR B 155 -15.95 -7.72 8.13
N ARG B 156 -15.60 -7.77 6.84
CA ARG B 156 -16.48 -8.37 5.85
C ARG B 156 -15.73 -9.45 5.07
N ILE B 157 -16.31 -10.65 5.05
CA ILE B 157 -15.83 -11.76 4.24
C ILE B 157 -16.73 -11.80 3.01
N ASN B 158 -16.21 -11.36 1.87
CA ASN B 158 -17.02 -11.12 0.69
C ASN B 158 -16.81 -12.23 -0.33
N ARG B 159 -17.89 -12.96 -0.63
CA ARG B 159 -17.92 -13.96 -1.71
C ARG B 159 -16.84 -15.02 -1.50
N SER B 160 -16.88 -15.64 -0.32
CA SER B 160 -15.94 -16.71 0.00
C SER B 160 -16.32 -17.95 -0.79
N PRO B 161 -15.45 -18.48 -1.64
CA PRO B 161 -15.78 -19.69 -2.40
C PRO B 161 -16.10 -20.85 -1.46
N MET B 162 -17.18 -21.55 -1.76
CA MET B 162 -17.58 -22.68 -0.93
C MET B 162 -16.58 -23.81 -1.07
N CYS B 163 -16.45 -24.59 0.01
CA CYS B 163 -15.58 -25.76 0.01
C CYS B 163 -15.98 -26.70 -1.12
N GLU B 164 -15.00 -27.43 -1.65
CA GLU B 164 -15.32 -28.48 -2.61
C GLU B 164 -16.22 -29.54 -1.99
N TYR B 165 -16.09 -29.76 -0.68
CA TYR B 165 -16.95 -30.71 0.00
C TYR B 165 -18.38 -30.20 0.10
N MET B 166 -18.56 -28.91 0.36
CA MET B 166 -19.90 -28.37 0.53
C MET B 166 -20.66 -28.28 -0.79
N ILE B 167 -19.96 -28.00 -1.90
CA ILE B 167 -20.63 -27.90 -3.19
C ILE B 167 -21.12 -29.28 -3.64
N ASN B 168 -20.32 -30.32 -3.39
CA ASN B 168 -20.77 -31.67 -3.67
C ASN B 168 -21.87 -32.11 -2.71
N PHE B 169 -21.88 -31.54 -1.50
CA PHE B 169 -22.91 -31.89 -0.52
C PHE B 169 -24.28 -31.43 -0.99
N ILE B 170 -24.40 -30.18 -1.44
CA ILE B 170 -25.69 -29.69 -1.92
C ILE B 170 -26.14 -30.51 -3.13
N HIS B 171 -25.22 -30.82 -4.04
CA HIS B 171 -25.58 -31.64 -5.20
C HIS B 171 -26.01 -33.04 -4.78
N LYS B 172 -25.28 -33.66 -3.86
CA LYS B 172 -25.68 -34.96 -3.33
C LYS B 172 -26.98 -34.86 -2.54
N LEU B 173 -27.15 -33.78 -1.77
CA LEU B 173 -28.36 -33.59 -0.99
C LEU B 173 -29.59 -33.47 -1.86
N LYS B 174 -29.46 -32.74 -2.98
CA LYS B 174 -30.58 -32.52 -3.86
C LYS B 174 -31.03 -33.81 -4.53
N HIS B 175 -30.06 -34.67 -4.87
CA HIS B 175 -30.36 -35.88 -5.61
C HIS B 175 -31.18 -36.87 -4.78
N LEU B 176 -31.12 -36.78 -3.45
CA LEU B 176 -31.95 -37.62 -2.60
C LEU B 176 -33.40 -37.53 -3.05
N PRO B 177 -34.06 -38.66 -3.34
CA PRO B 177 -35.37 -38.59 -4.01
C PRO B 177 -36.48 -37.97 -3.17
N GLU B 178 -36.52 -38.21 -1.86
CA GLU B 178 -37.64 -37.78 -1.04
C GLU B 178 -37.20 -36.66 -0.09
N LYS B 179 -38.15 -35.78 0.23
CA LYS B 179 -37.85 -34.65 1.10
C LYS B 179 -37.41 -35.11 2.49
N TYR B 180 -38.10 -36.11 3.05
CA TYR B 180 -37.68 -36.61 4.36
C TYR B 180 -36.26 -37.16 4.34
N MET B 181 -35.76 -37.55 3.16
CA MET B 181 -34.38 -38.00 3.04
C MET B 181 -33.40 -36.85 3.21
N MET B 182 -33.74 -35.67 2.68
CA MET B 182 -32.85 -34.52 2.81
C MET B 182 -32.73 -34.06 4.25
N ASN B 183 -33.86 -33.99 4.97
CA ASN B 183 -33.84 -33.58 6.38
C ASN B 183 -33.15 -34.62 7.27
N SER B 184 -33.19 -35.89 6.88
CA SER B 184 -32.63 -36.95 7.72
C SER B 184 -31.12 -36.85 7.81
N VAL B 185 -30.44 -36.59 6.69
CA VAL B 185 -28.99 -36.40 6.73
C VAL B 185 -28.62 -35.06 7.36
N LEU B 186 -29.49 -34.05 7.24
CA LEU B 186 -29.22 -32.78 7.88
C LEU B 186 -29.27 -32.87 9.40
N GLU B 187 -29.87 -33.93 9.95
CA GLU B 187 -29.83 -34.14 11.39
C GLU B 187 -28.39 -34.19 11.90
N ASN B 188 -27.50 -34.80 11.12
CA ASN B 188 -26.12 -35.02 11.52
C ASN B 188 -25.16 -34.00 10.93
N PHE B 189 -25.69 -32.95 10.28
CA PHE B 189 -24.86 -31.91 9.67
C PHE B 189 -24.84 -30.68 10.57
N THR B 190 -23.64 -30.24 10.94
CA THR B 190 -23.47 -29.12 11.85
C THR B 190 -22.25 -28.31 11.43
N ILE B 191 -22.36 -26.98 11.57
CA ILE B 191 -21.30 -26.06 11.22
C ILE B 191 -21.00 -25.16 12.42
N LEU B 192 -19.76 -25.21 12.89
CA LEU B 192 -19.32 -24.41 14.03
C LEU B 192 -18.52 -23.21 13.56
N LEU B 193 -18.98 -22.01 13.91
CA LEU B 193 -18.31 -20.75 13.58
C LEU B 193 -17.69 -20.17 14.84
N VAL B 194 -16.37 -19.98 14.83
CA VAL B 194 -15.66 -19.38 15.95
C VAL B 194 -14.89 -18.19 15.41
N VAL B 195 -15.35 -16.99 15.75
CA VAL B 195 -14.68 -15.75 15.39
C VAL B 195 -13.85 -15.32 16.59
N THR B 196 -12.55 -15.14 16.38
CA THR B 196 -11.62 -14.83 17.46
C THR B 196 -10.70 -13.70 17.05
N ASN B 197 -10.10 -13.06 18.05
CA ASN B 197 -9.10 -12.03 17.82
C ASN B 197 -7.76 -12.70 17.58
N ARG B 198 -7.16 -12.47 16.41
CA ARG B 198 -5.98 -13.22 16.01
C ARG B 198 -4.81 -12.93 16.93
N ASP B 199 -4.66 -11.67 17.34
CA ASP B 199 -3.52 -11.28 18.16
C ASP B 199 -3.63 -11.87 19.57
N THR B 200 -4.82 -11.80 20.17
CA THR B 200 -5.00 -12.17 21.56
C THR B 200 -5.45 -13.61 21.75
N GLN B 201 -5.84 -14.29 20.67
CA GLN B 201 -6.35 -15.66 20.73
C GLN B 201 -7.51 -15.76 21.72
N GLU B 202 -8.32 -14.72 21.75
CA GLU B 202 -9.47 -14.61 22.65
C GLU B 202 -10.77 -14.85 21.88
N THR B 203 -11.67 -15.63 22.48
CA THR B 203 -12.95 -15.94 21.85
C THR B 203 -13.80 -14.68 21.76
N LEU B 204 -14.13 -14.28 20.52
CA LEU B 204 -14.91 -13.07 20.27
C LEU B 204 -16.39 -13.35 20.10
N LEU B 205 -16.74 -14.38 19.34
CA LEU B 205 -18.12 -14.71 19.03
C LEU B 205 -18.14 -16.13 18.50
N CYS B 206 -19.21 -16.86 18.81
CA CYS B 206 -19.28 -18.27 18.42
C CYS B 206 -20.72 -18.67 18.15
N MET B 207 -20.99 -19.10 16.92
CA MET B 207 -22.30 -19.56 16.51
C MET B 207 -22.21 -21.05 16.19
N ALA B 208 -22.95 -21.87 16.93
CA ALA B 208 -23.08 -23.29 16.65
C ALA B 208 -24.36 -23.48 15.84
N CYS B 209 -24.23 -23.97 14.61
CA CYS B 209 -25.33 -24.00 13.66
C CYS B 209 -25.77 -25.43 13.37
N VAL B 210 -27.07 -25.68 13.52
CA VAL B 210 -27.69 -26.94 13.15
C VAL B 210 -28.69 -26.66 12.03
N PHE B 211 -28.78 -27.58 11.07
CA PHE B 211 -29.49 -27.35 9.83
C PHE B 211 -30.69 -28.28 9.68
N GLU B 212 -31.76 -27.74 9.12
CA GLU B 212 -32.96 -28.48 8.75
C GLU B 212 -33.46 -27.96 7.41
N VAL B 213 -34.17 -28.83 6.68
CA VAL B 213 -34.78 -28.42 5.43
C VAL B 213 -35.97 -27.53 5.72
N SER B 214 -36.21 -26.56 4.84
CA SER B 214 -37.27 -25.57 5.04
C SER B 214 -38.59 -26.11 4.49
N ASN B 215 -39.65 -25.92 5.26
CA ASN B 215 -40.98 -26.44 4.90
C ASN B 215 -41.63 -25.63 3.78
N SER B 216 -41.37 -24.33 3.73
CA SER B 216 -41.97 -23.45 2.72
C SER B 216 -41.63 -23.90 1.28
N GLY B 219 -39.55 -19.56 1.83
CA GLY B 219 -38.12 -19.55 1.59
C GLY B 219 -37.29 -19.97 2.79
N ALA B 220 -36.14 -19.35 2.94
CA ALA B 220 -35.23 -19.66 4.05
C ALA B 220 -35.71 -19.02 5.34
N GLN B 221 -35.44 -19.69 6.45
CA GLN B 221 -35.83 -19.22 7.77
C GLN B 221 -34.78 -19.67 8.76
N HIS B 222 -34.86 -19.12 9.98
CA HIS B 222 -33.91 -19.49 11.02
C HIS B 222 -34.37 -18.94 12.36
N HIS B 223 -33.92 -19.60 13.43
CA HIS B 223 -34.17 -19.19 14.81
C HIS B 223 -32.85 -19.15 15.55
N ILE B 224 -32.66 -18.12 16.38
CA ILE B 224 -31.39 -17.91 17.08
C ILE B 224 -31.64 -18.06 18.57
N TYR B 225 -30.77 -18.80 19.25
CA TYR B 225 -30.84 -19.01 20.69
C TYR B 225 -29.46 -18.77 21.29
N ARG B 226 -29.44 -18.56 22.60
CA ARG B 226 -28.21 -18.30 23.34
C ARG B 226 -27.90 -19.47 24.25
N LEU B 227 -26.65 -19.95 24.22
CA LEU B 227 -26.24 -21.06 25.06
C LEU B 227 -25.84 -20.59 26.46
N VAL B 228 -26.22 -21.38 27.47
CA VAL B 228 -25.85 -21.14 28.85
C VAL B 228 -25.62 -22.51 29.52
N LYS B 229 -24.86 -22.51 30.59
CA LYS B 229 -24.68 -23.73 31.38
C LYS B 229 -24.97 -23.47 32.85
N SER C 14 -14.36 17.63 7.08
CA SER C 14 -13.79 18.92 6.69
C SER C 14 -12.51 18.69 5.89
N ILE C 15 -12.47 19.29 4.69
CA ILE C 15 -11.36 19.16 3.75
C ILE C 15 -11.12 17.68 3.48
N GLY C 16 -12.14 17.00 2.95
CA GLY C 16 -12.00 15.60 2.61
C GLY C 16 -13.24 15.03 1.95
N THR C 17 -13.04 14.04 1.09
CA THR C 17 -14.12 13.29 0.47
C THR C 17 -14.10 11.85 0.97
N THR C 18 -15.02 11.04 0.47
CA THR C 18 -15.01 9.62 0.80
C THR C 18 -13.74 8.96 0.28
N LYS C 19 -13.21 9.47 -0.84
CA LYS C 19 -12.00 8.93 -1.44
C LYS C 19 -10.74 9.38 -0.73
N LEU C 20 -10.72 10.61 -0.20
CA LEU C 20 -9.56 11.16 0.49
C LEU C 20 -9.96 12.19 1.52
N ARG C 21 -9.29 12.16 2.68
CA ARG C 21 -9.49 13.14 3.74
C ARG C 21 -8.13 13.67 4.17
N LEU C 22 -8.02 14.99 4.32
CA LEU C 22 -6.80 15.59 4.85
C LEU C 22 -6.95 15.71 6.36
N VAL C 23 -6.05 15.07 7.09
CA VAL C 23 -6.11 15.07 8.55
C VAL C 23 -5.38 16.28 9.13
N GLU C 24 -4.14 16.53 8.71
CA GLU C 24 -3.36 17.61 9.29
C GLU C 24 -2.52 18.28 8.21
N PHE C 25 -2.45 19.60 8.27
CA PHE C 25 -1.65 20.41 7.35
C PHE C 25 -1.04 21.53 8.19
N SER C 26 0.27 21.48 8.41
CA SER C 26 0.93 22.45 9.26
C SER C 26 2.23 22.93 8.59
N ALA C 27 2.36 24.24 8.45
CA ALA C 27 3.56 24.87 7.91
C ALA C 27 4.22 25.66 9.03
N PHE C 28 5.48 25.35 9.32
CA PHE C 28 6.09 25.79 10.57
C PHE C 28 7.51 26.28 10.37
N LEU C 29 8.07 26.80 11.47
CA LEU C 29 9.46 27.21 11.55
C LEU C 29 10.05 26.65 12.84
N GLU C 30 11.04 25.77 12.71
CA GLU C 30 11.68 25.12 13.85
C GLU C 30 13.00 25.81 14.18
N GLN C 31 13.18 26.17 15.45
CA GLN C 31 14.39 26.82 15.92
C GLN C 31 15.03 25.97 17.02
N GLN C 32 16.31 25.64 16.85
CA GLN C 32 17.07 24.84 17.82
C GLN C 32 18.43 25.50 18.04
N ARG C 33 18.43 26.67 18.68
CA ARG C 33 19.69 27.36 18.96
C ARG C 33 20.53 26.58 19.97
N ASP C 34 19.90 25.87 20.88
CA ASP C 34 20.53 24.99 21.84
C ASP C 34 19.88 23.62 21.76
N PRO C 35 20.59 22.56 22.14
CA PRO C 35 19.92 21.25 22.24
C PRO C 35 18.78 21.24 23.25
N ASP C 36 18.84 22.09 24.27
CA ASP C 36 17.83 22.19 25.30
C ASP C 36 16.87 23.36 25.07
N SER C 37 16.83 23.90 23.86
CA SER C 37 16.05 25.10 23.58
C SER C 37 15.37 25.00 22.23
N TYR C 38 14.68 23.88 21.98
CA TYR C 38 13.93 23.71 20.75
C TYR C 38 12.60 24.44 20.82
N ASN C 39 12.24 25.10 19.71
CA ASN C 39 11.01 25.89 19.67
C ASN C 39 10.46 25.85 18.26
N LYS C 40 9.20 25.43 18.13
CA LYS C 40 8.54 25.33 16.82
C LYS C 40 7.39 26.32 16.78
N HIS C 41 7.43 27.23 15.80
CA HIS C 41 6.34 28.16 15.56
C HIS C 41 5.66 27.75 14.26
N LEU C 42 4.34 27.56 14.33
CA LEU C 42 3.54 27.13 13.20
C LEU C 42 2.90 28.35 12.53
N PHE C 43 3.07 28.46 11.20
CA PHE C 43 2.44 29.54 10.44
C PHE C 43 0.95 29.30 10.23
N VAL C 44 0.59 28.16 9.63
CA VAL C 44 -0.80 27.79 9.42
C VAL C 44 -1.01 26.35 9.86
N HIS C 45 -2.23 26.06 10.31
CA HIS C 45 -2.63 24.72 10.75
C HIS C 45 -3.97 24.35 10.15
N ILE C 46 -4.17 23.06 9.93
CA ILE C 46 -5.47 22.56 9.48
C ILE C 46 -5.91 21.36 10.31
N PRO C 56 -19.62 21.84 12.11
CA PRO C 56 -20.94 22.07 11.51
C PRO C 56 -21.00 21.72 10.02
N LEU C 57 -21.68 22.58 9.25
CA LEU C 57 -21.88 22.42 7.83
C LEU C 57 -21.06 23.46 7.06
N LEU C 58 -20.61 23.08 5.87
CA LEU C 58 -19.70 23.93 5.10
C LEU C 58 -20.48 24.81 4.14
N GLU C 59 -20.08 26.08 4.09
CA GLU C 59 -20.68 27.06 3.20
C GLU C 59 -20.28 26.82 1.74
N SER C 60 -21.08 27.34 0.83
CA SER C 60 -20.88 27.20 -0.61
C SER C 60 -20.33 28.50 -1.16
N VAL C 61 -19.27 28.40 -1.98
CA VAL C 61 -18.65 29.56 -2.60
C VAL C 61 -18.60 29.36 -4.10
N ASP C 62 -19.04 30.37 -4.85
CA ASP C 62 -18.93 30.35 -6.30
C ASP C 62 -17.48 30.35 -6.72
N ILE C 63 -17.11 29.40 -7.59
CA ILE C 63 -15.73 29.31 -8.05
C ILE C 63 -15.34 30.55 -8.83
N ARG C 64 -16.30 31.26 -9.41
CA ARG C 64 -16.00 32.48 -10.16
C ARG C 64 -15.43 33.57 -9.26
N GLN C 65 -15.69 33.51 -7.96
CA GLN C 65 -15.26 34.59 -7.06
C GLN C 65 -13.75 34.62 -6.90
N ILE C 66 -13.12 33.44 -6.85
CA ILE C 66 -11.68 33.30 -6.74
C ILE C 66 -11.07 32.81 -8.05
N TYR C 67 -11.85 32.84 -9.12
CA TYR C 67 -11.41 32.25 -10.39
C TYR C 67 -10.19 32.98 -10.95
N ASP C 68 -10.24 34.31 -10.99
CA ASP C 68 -9.14 35.10 -11.54
C ASP C 68 -7.86 34.91 -10.73
N LYS C 69 -7.97 34.67 -9.42
CA LYS C 69 -6.81 34.59 -8.56
C LYS C 69 -5.92 33.37 -8.88
N PHE C 70 -6.48 32.35 -9.49
CA PHE C 70 -5.74 31.14 -9.82
C PHE C 70 -5.48 31.04 -11.33
N PRO C 71 -4.50 30.22 -11.74
CA PRO C 71 -4.05 30.24 -13.14
C PRO C 71 -5.16 29.94 -14.15
N GLU C 72 -5.11 30.68 -15.26
CA GLU C 72 -6.00 30.49 -16.40
C GLU C 72 -5.32 29.70 -17.52
N LYS C 73 -4.05 29.36 -17.34
CA LYS C 73 -3.34 28.57 -18.34
C LYS C 73 -3.72 27.10 -18.24
N LYS C 74 -3.09 26.28 -19.07
CA LYS C 74 -3.32 24.85 -19.05
C LYS C 74 -2.98 24.25 -17.69
N GLY C 75 -3.85 23.38 -17.19
CA GLY C 75 -3.66 22.81 -15.87
C GLY C 75 -4.13 23.68 -14.72
N GLY C 76 -4.87 24.75 -14.99
CA GLY C 76 -5.38 25.62 -13.96
C GLY C 76 -6.64 25.07 -13.31
N LEU C 77 -7.12 25.83 -12.32
CA LEU C 77 -8.32 25.44 -11.59
C LEU C 77 -9.51 25.29 -12.54
N LYS C 78 -9.58 26.10 -13.60
CA LYS C 78 -10.70 26.04 -14.52
C LYS C 78 -10.77 24.67 -15.21
N GLU C 79 -9.66 24.27 -15.85
CA GLU C 79 -9.61 22.96 -16.49
C GLU C 79 -9.76 21.83 -15.48
N LEU C 80 -9.19 22.01 -14.29
CA LEU C 80 -9.19 20.97 -13.28
C LEU C 80 -10.60 20.63 -12.78
N PHE C 81 -11.46 21.64 -12.63
CA PHE C 81 -12.81 21.39 -12.13
C PHE C 81 -13.59 20.47 -13.08
N GLY C 82 -13.51 20.74 -14.38
CA GLY C 82 -14.20 19.89 -15.34
C GLY C 82 -13.70 18.46 -15.31
N LYS C 83 -12.39 18.27 -15.15
CA LYS C 83 -11.81 16.93 -15.18
C LYS C 83 -12.19 16.14 -13.93
N GLY C 84 -11.91 16.68 -12.75
CA GLY C 84 -12.09 15.96 -11.52
C GLY C 84 -13.52 16.01 -11.01
N PRO C 85 -13.79 15.23 -9.97
CA PRO C 85 -15.12 15.27 -9.33
C PRO C 85 -15.37 16.64 -8.69
N GLN C 86 -16.62 17.10 -8.78
CA GLN C 86 -16.95 18.43 -8.29
C GLN C 86 -16.82 18.54 -6.78
N ASN C 87 -17.08 17.46 -6.04
CA ASN C 87 -17.04 17.51 -4.58
C ASN C 87 -15.62 17.61 -4.05
N ALA C 88 -14.61 17.25 -4.83
CA ALA C 88 -13.23 17.18 -4.33
C ALA C 88 -12.60 18.56 -4.14
N PHE C 89 -13.10 19.58 -4.84
CA PHE C 89 -12.51 20.91 -4.77
C PHE C 89 -13.02 21.68 -3.56
N PHE C 90 -12.13 22.44 -2.92
CA PHE C 90 -12.47 23.21 -1.74
C PHE C 90 -11.80 24.58 -1.83
N LEU C 91 -12.01 25.41 -0.81
CA LEU C 91 -11.31 26.68 -0.68
C LEU C 91 -10.95 26.88 0.78
N VAL C 92 -9.73 27.37 1.02
CA VAL C 92 -9.23 27.63 2.36
C VAL C 92 -8.83 29.10 2.45
N LYS C 93 -9.29 29.77 3.50
CA LYS C 93 -8.82 31.11 3.85
C LYS C 93 -7.89 30.99 5.05
N PHE C 94 -6.58 31.07 4.80
CA PHE C 94 -5.58 31.03 5.87
C PHE C 94 -5.35 32.43 6.43
N TRP C 95 -5.30 32.52 7.75
CA TRP C 95 -4.89 33.75 8.44
C TRP C 95 -3.56 33.46 9.13
N ALA C 96 -2.46 33.82 8.46
CA ALA C 96 -1.15 33.33 8.85
C ALA C 96 -0.59 34.08 10.05
N ASP C 97 0.07 33.34 10.94
CA ASP C 97 0.69 33.90 12.14
C ASP C 97 2.15 34.19 11.80
N LEU C 98 2.47 35.46 11.61
CA LEU C 98 3.83 35.89 11.27
C LEU C 98 4.62 36.40 12.47
N ASN C 99 4.12 36.20 13.69
CA ASN C 99 4.80 36.68 14.90
C ASN C 99 5.81 35.63 15.32
N CYS C 100 7.03 35.74 14.80
CA CYS C 100 8.09 34.79 15.13
C CYS C 100 9.44 35.49 15.01
N ASN C 101 10.38 35.06 15.86
CA ASN C 101 11.73 35.61 15.86
C ASN C 101 12.50 35.04 14.67
N ILE C 102 13.01 35.92 13.83
CA ILE C 102 13.74 35.50 12.64
C ILE C 102 15.24 35.69 12.84
N ALA C 106 18.87 32.70 11.31
CA ALA C 106 19.37 31.84 12.38
C ALA C 106 19.55 30.40 11.87
N GLY C 107 19.73 29.44 12.78
CA GLY C 107 19.85 28.05 12.37
C GLY C 107 18.54 27.29 12.45
N ALA C 108 17.55 27.76 11.71
CA ALA C 108 16.17 27.30 11.73
C ALA C 108 15.87 26.40 10.55
N PHE C 109 14.71 25.74 10.62
CA PHE C 109 14.20 24.86 9.56
C PHE C 109 12.76 25.24 9.27
N TYR C 110 12.45 25.45 8.00
CA TYR C 110 11.11 25.77 7.54
C TYR C 110 10.52 24.52 6.89
N GLY C 111 9.36 24.08 7.36
CA GLY C 111 8.82 22.81 6.91
C GLY C 111 7.30 22.79 6.85
N VAL C 112 6.79 21.93 5.98
CA VAL C 112 5.35 21.70 5.81
C VAL C 112 5.11 20.21 6.04
N THR C 113 4.27 19.90 7.03
CA THR C 113 3.92 18.52 7.36
C THR C 113 2.46 18.28 7.02
N SER C 114 2.18 17.29 6.18
CA SER C 114 0.82 16.97 5.79
C SER C 114 0.56 15.49 6.00
N GLN C 115 -0.73 15.15 6.12
CA GLN C 115 -1.16 13.76 6.33
C GLN C 115 -2.53 13.58 5.71
N TYR C 116 -2.71 12.48 4.98
CA TYR C 116 -3.96 12.20 4.29
C TYR C 116 -4.43 10.78 4.59
N GLU C 117 -5.73 10.60 4.76
CA GLU C 117 -6.34 9.31 5.02
C GLU C 117 -7.35 8.98 3.93
N SER C 118 -7.34 7.72 3.49
CA SER C 118 -8.18 7.27 2.39
C SER C 118 -8.71 5.88 2.72
N SER C 119 -9.92 5.59 2.21
CA SER C 119 -10.52 4.28 2.45
C SER C 119 -9.77 3.17 1.71
N GLU C 120 -9.41 3.41 0.46
CA GLU C 120 -8.72 2.42 -0.37
C GLU C 120 -7.22 2.67 -0.37
N ASN C 121 -6.48 1.64 -0.76
CA ASN C 121 -5.03 1.71 -0.86
C ASN C 121 -4.64 2.14 -2.28
N MET C 122 -3.79 3.15 -2.37
CA MET C 122 -3.34 3.66 -3.67
C MET C 122 -2.09 4.50 -3.47
N THR C 123 -1.47 4.87 -4.59
CA THR C 123 -0.31 5.75 -4.61
C THR C 123 -0.74 7.19 -4.88
N VAL C 124 -0.30 8.11 -4.02
CA VAL C 124 -0.81 9.47 -3.97
C VAL C 124 0.28 10.45 -4.37
N THR C 125 -0.08 11.42 -5.21
CA THR C 125 0.83 12.48 -5.65
C THR C 125 0.25 13.83 -5.23
N CYS C 126 1.02 14.59 -4.46
CA CYS C 126 0.60 15.89 -3.94
C CYS C 126 1.33 17.00 -4.70
N SER C 127 0.57 17.75 -5.50
CA SER C 127 1.13 18.81 -6.34
C SER C 127 0.82 20.18 -5.74
N THR C 128 1.87 20.84 -5.23
CA THR C 128 1.75 22.17 -4.63
C THR C 128 2.33 23.21 -5.59
N LYS C 129 1.47 24.03 -6.17
CA LYS C 129 1.92 25.10 -7.07
C LYS C 129 1.60 26.45 -6.43
N VAL C 130 2.63 27.19 -6.04
CA VAL C 130 2.50 28.51 -5.43
C VAL C 130 2.65 29.59 -6.49
N CYS C 131 1.60 30.39 -6.68
CA CYS C 131 1.59 31.46 -7.69
C CYS C 131 1.63 32.82 -7.02
N SER C 132 2.33 33.77 -7.64
CA SER C 132 2.48 35.13 -7.14
C SER C 132 2.23 36.12 -8.26
N PHE C 133 1.28 37.04 -8.06
CA PHE C 133 0.92 38.03 -9.08
C PHE C 133 0.45 37.37 -10.37
N GLY C 134 -0.23 36.24 -10.24
CA GLY C 134 -0.75 35.57 -11.41
C GLY C 134 0.28 34.86 -12.24
N LYS C 135 1.50 34.72 -11.75
CA LYS C 135 2.56 33.99 -12.45
C LYS C 135 2.99 32.80 -11.60
N GLN C 136 3.11 31.63 -12.23
CA GLN C 136 3.51 30.42 -11.53
C GLN C 136 4.98 30.55 -11.12
N VAL C 137 5.24 30.54 -9.82
CA VAL C 137 6.60 30.73 -9.32
C VAL C 137 7.29 29.41 -9.01
N VAL C 138 6.62 28.53 -8.26
CA VAL C 138 7.22 27.28 -7.80
C VAL C 138 6.16 26.19 -7.79
N GLU C 139 6.50 25.03 -8.33
CA GLU C 139 5.65 23.85 -8.22
C GLU C 139 6.47 22.74 -7.56
N LYS C 140 5.93 22.18 -6.49
CA LYS C 140 6.57 21.10 -5.74
C LYS C 140 5.68 19.87 -5.80
N VAL C 141 6.12 18.84 -6.51
CA VAL C 141 5.36 17.61 -6.67
C VAL C 141 6.01 16.51 -5.84
N GLU C 142 5.19 15.83 -5.03
CA GLU C 142 5.64 14.77 -4.15
C GLU C 142 4.70 13.57 -4.30
N THR C 143 5.26 12.37 -4.18
CA THR C 143 4.50 11.14 -4.29
C THR C 143 4.71 10.31 -3.03
N GLU C 144 3.61 9.87 -2.42
CA GLU C 144 3.67 9.11 -1.17
C GLU C 144 2.86 7.82 -1.29
N TYR C 145 3.40 6.74 -0.72
CA TYR C 145 2.77 5.43 -0.70
C TYR C 145 2.00 5.21 0.60
N ALA C 146 1.04 4.29 0.53
CA ALA C 146 0.11 4.03 1.61
C ALA C 146 0.73 3.23 2.75
N ARG C 147 0.29 3.54 3.97
CA ARG C 147 0.53 2.74 5.15
C ARG C 147 -0.81 2.43 5.81
N PHE C 148 -1.03 1.16 6.14
CA PHE C 148 -2.26 0.72 6.79
C PHE C 148 -2.11 0.92 8.30
N GLU C 149 -2.89 1.86 8.85
CA GLU C 149 -2.87 2.14 10.28
C GLU C 149 -4.31 2.29 10.75
N ASN C 150 -4.69 1.48 11.75
CA ASN C 150 -6.00 1.59 12.41
C ASN C 150 -7.14 1.53 11.41
N GLY C 151 -7.15 0.47 10.59
CA GLY C 151 -8.26 0.21 9.72
C GLY C 151 -8.42 1.16 8.55
N ARG C 152 -7.42 1.99 8.27
CA ARG C 152 -7.46 2.87 7.12
C ARG C 152 -6.04 3.08 6.60
N PHE C 153 -5.95 3.70 5.43
CA PHE C 153 -4.68 3.95 4.75
C PHE C 153 -4.26 5.40 4.94
N VAL C 154 -3.06 5.60 5.48
CA VAL C 154 -2.56 6.91 5.85
C VAL C 154 -1.41 7.28 4.92
N TYR C 155 -1.55 8.43 4.25
CA TYR C 155 -0.47 9.01 3.46
C TYR C 155 0.08 10.19 4.26
N ARG C 156 1.33 10.07 4.72
CA ARG C 156 1.94 11.12 5.52
C ARG C 156 3.15 11.67 4.80
N ILE C 157 3.16 12.99 4.59
CA ILE C 157 4.27 13.71 3.99
C ILE C 157 4.91 14.50 5.13
N ASN C 158 6.02 14.01 5.65
CA ASN C 158 6.58 14.52 6.89
C ASN C 158 7.77 15.41 6.63
N ARG C 159 7.71 16.64 7.17
CA ARG C 159 8.83 17.58 7.17
C ARG C 159 9.33 17.87 5.74
N SER C 160 8.40 18.33 4.92
CA SER C 160 8.76 18.78 3.57
C SER C 160 9.61 20.05 3.67
N PRO C 161 10.86 20.03 3.24
CA PRO C 161 11.68 21.25 3.33
C PRO C 161 11.09 22.34 2.47
N MET C 162 10.93 23.52 3.07
CA MET C 162 10.26 24.62 2.37
C MET C 162 11.13 25.14 1.24
N CYS C 163 10.48 25.54 0.15
CA CYS C 163 11.19 26.06 -1.02
C CYS C 163 11.93 27.34 -0.66
N GLU C 164 13.07 27.56 -1.34
CA GLU C 164 13.85 28.76 -1.11
C GLU C 164 13.05 30.02 -1.43
N TYR C 165 12.16 29.95 -2.42
CA TYR C 165 11.30 31.09 -2.71
C TYR C 165 10.42 31.42 -1.51
N MET C 166 9.85 30.40 -0.87
CA MET C 166 8.89 30.63 0.20
C MET C 166 9.54 31.21 1.45
N ILE C 167 10.78 30.84 1.74
CA ILE C 167 11.44 31.39 2.93
C ILE C 167 11.74 32.86 2.73
N ASN C 168 12.31 33.22 1.58
CA ASN C 168 12.54 34.63 1.27
C ASN C 168 11.23 35.40 1.20
N PHE C 169 10.15 34.75 0.77
CA PHE C 169 8.85 35.42 0.76
C PHE C 169 8.41 35.76 2.18
N ILE C 170 8.52 34.80 3.09
CA ILE C 170 8.18 35.05 4.50
C ILE C 170 9.06 36.15 5.07
N HIS C 171 10.35 36.13 4.73
CA HIS C 171 11.26 37.18 5.18
C HIS C 171 10.86 38.54 4.60
N LYS C 172 10.43 38.57 3.34
CA LYS C 172 9.98 39.82 2.73
C LYS C 172 8.74 40.36 3.42
N LEU C 173 7.87 39.47 3.93
CA LEU C 173 6.65 39.92 4.59
C LEU C 173 6.95 40.58 5.93
N LYS C 174 7.78 39.94 6.75
CA LYS C 174 8.05 40.46 8.08
C LYS C 174 8.79 41.78 8.03
N HIS C 175 9.63 41.98 7.01
CA HIS C 175 10.35 43.24 6.83
C HIS C 175 9.43 44.40 6.45
N LEU C 176 8.28 44.11 5.87
CA LEU C 176 7.35 45.16 5.47
C LEU C 176 6.92 45.98 6.70
N PRO C 177 6.85 47.31 6.59
CA PRO C 177 6.60 48.15 7.76
C PRO C 177 5.19 48.03 8.34
N GLU C 178 4.18 48.10 7.48
CA GLU C 178 2.79 48.18 7.89
C GLU C 178 2.03 46.91 7.53
N LYS C 179 1.20 46.43 8.46
CA LYS C 179 0.43 45.21 8.24
C LYS C 179 -0.43 45.31 6.99
N TYR C 180 -1.10 46.45 6.78
CA TYR C 180 -1.91 46.64 5.59
C TYR C 180 -1.14 46.34 4.31
N MET C 181 0.18 46.52 4.34
CA MET C 181 1.01 46.19 3.18
C MET C 181 1.07 44.68 2.96
N MET C 182 1.22 43.91 4.04
CA MET C 182 1.32 42.46 3.92
C MET C 182 0.05 41.86 3.33
N ASN C 183 -1.11 42.20 3.89
CA ASN C 183 -2.38 41.73 3.34
C ASN C 183 -2.56 42.17 1.89
N SER C 184 -1.93 43.28 1.51
CA SER C 184 -2.08 43.79 0.15
C SER C 184 -1.37 42.90 -0.86
N VAL C 185 -0.13 42.50 -0.56
CA VAL C 185 0.59 41.60 -1.47
C VAL C 185 0.01 40.20 -1.43
N LEU C 186 -0.40 39.74 -0.23
CA LEU C 186 -0.93 38.38 -0.09
C LEU C 186 -2.21 38.16 -0.89
N GLU C 187 -2.86 39.23 -1.36
CA GLU C 187 -4.01 39.03 -2.24
C GLU C 187 -3.57 38.42 -3.58
N ASN C 188 -2.34 38.68 -4.00
CA ASN C 188 -1.80 38.15 -5.25
C ASN C 188 -1.03 36.85 -5.05
N PHE C 189 -0.96 36.34 -3.82
CA PHE C 189 -0.19 35.16 -3.48
C PHE C 189 -1.15 34.00 -3.21
N THR C 190 -1.07 32.95 -4.03
CA THR C 190 -1.96 31.80 -3.92
C THR C 190 -1.17 30.50 -3.99
N ILE C 191 -1.73 29.46 -3.39
CA ILE C 191 -1.13 28.13 -3.36
C ILE C 191 -2.23 27.12 -3.63
N LEU C 192 -2.06 26.32 -4.68
CA LEU C 192 -3.08 25.35 -5.09
C LEU C 192 -2.55 23.93 -4.89
N LEU C 193 -2.98 23.28 -3.82
CA LEU C 193 -2.67 21.86 -3.62
C LEU C 193 -3.62 20.99 -4.42
N VAL C 194 -3.06 20.02 -5.16
CA VAL C 194 -3.85 19.07 -5.94
C VAL C 194 -3.26 17.69 -5.67
N VAL C 195 -3.99 16.88 -4.89
CA VAL C 195 -3.56 15.55 -4.52
C VAL C 195 -4.28 14.56 -5.42
N THR C 196 -3.52 13.71 -6.11
CA THR C 196 -4.05 12.86 -7.17
C THR C 196 -3.55 11.43 -7.00
N ASN C 197 -4.32 10.50 -7.57
CA ASN C 197 -3.89 9.12 -7.69
C ASN C 197 -2.96 9.03 -8.90
N ARG C 198 -1.70 8.66 -8.67
CA ARG C 198 -0.74 8.66 -9.76
C ARG C 198 -1.09 7.62 -10.81
N ASP C 199 -1.53 6.44 -10.39
CA ASP C 199 -1.78 5.36 -11.34
C ASP C 199 -2.98 5.67 -12.23
N THR C 200 -4.06 6.21 -11.65
CA THR C 200 -5.28 6.47 -12.40
C THR C 200 -5.34 7.89 -12.97
N GLN C 201 -4.57 8.82 -12.40
CA GLN C 201 -4.52 10.21 -12.85
C GLN C 201 -5.88 10.90 -12.70
N GLU C 202 -6.60 10.58 -11.62
CA GLU C 202 -7.91 11.17 -11.33
C GLU C 202 -7.80 12.06 -10.10
N THR C 203 -8.46 13.22 -10.15
CA THR C 203 -8.41 14.16 -9.05
C THR C 203 -9.06 13.57 -7.79
N LEU C 204 -8.32 13.60 -6.69
CA LEU C 204 -8.80 13.10 -5.39
C LEU C 204 -9.20 14.21 -4.44
N LEU C 205 -8.42 15.30 -4.42
CA LEU C 205 -8.69 16.43 -3.55
C LEU C 205 -8.01 17.65 -4.15
N CYS C 206 -8.60 18.82 -3.94
CA CYS C 206 -8.04 20.07 -4.45
C CYS C 206 -8.36 21.18 -3.47
N MET C 207 -7.33 21.92 -3.09
CA MET C 207 -7.44 22.98 -2.09
C MET C 207 -6.92 24.29 -2.67
N ALA C 208 -7.84 25.21 -2.94
CA ALA C 208 -7.48 26.57 -3.33
C ALA C 208 -7.29 27.41 -2.08
N CYS C 209 -6.09 27.98 -1.92
CA CYS C 209 -5.73 28.68 -0.70
C CYS C 209 -5.45 30.14 -0.98
N VAL C 210 -6.10 31.03 -0.22
CA VAL C 210 -5.80 32.45 -0.21
C VAL C 210 -5.34 32.80 1.19
N PHE C 211 -4.48 33.81 1.30
CA PHE C 211 -3.76 34.08 2.53
C PHE C 211 -4.01 35.51 3.02
N GLU C 212 -4.07 35.64 4.33
CA GLU C 212 -4.18 36.92 5.01
C GLU C 212 -3.36 36.85 6.29
N VAL C 213 -2.96 38.01 6.79
CA VAL C 213 -2.30 38.08 8.08
C VAL C 213 -3.38 38.03 9.16
N SER C 214 -3.04 37.41 10.30
CA SER C 214 -4.00 37.27 11.38
C SER C 214 -3.99 38.53 12.23
N ASN C 215 -5.19 39.03 12.54
CA ASN C 215 -5.32 40.26 13.32
C ASN C 215 -5.18 40.00 14.81
N SER C 216 -5.47 38.78 15.25
CA SER C 216 -5.21 38.41 16.63
C SER C 216 -3.72 38.51 16.92
N GLU C 217 -3.38 38.95 18.14
CA GLU C 217 -1.97 39.11 18.49
C GLU C 217 -1.23 37.78 18.42
N HIS C 218 -1.82 36.73 18.95
CA HIS C 218 -1.25 35.39 18.89
C HIS C 218 -2.28 34.44 18.28
N GLY C 219 -1.78 33.35 17.71
CA GLY C 219 -2.66 32.36 17.13
C GLY C 219 -2.73 32.47 15.61
N ALA C 220 -3.24 31.41 15.00
CA ALA C 220 -3.45 31.35 13.56
C ALA C 220 -4.87 30.86 13.30
N GLN C 221 -5.52 31.47 12.33
CA GLN C 221 -6.92 31.19 12.03
C GLN C 221 -7.06 30.73 10.59
N HIS C 222 -8.10 29.95 10.33
CA HIS C 222 -8.35 29.50 8.96
C HIS C 222 -9.83 29.15 8.80
N HIS C 223 -10.33 29.39 7.60
CA HIS C 223 -11.70 29.09 7.23
C HIS C 223 -11.71 28.20 5.99
N ILE C 224 -12.66 27.27 5.95
CA ILE C 224 -12.74 26.29 4.88
C ILE C 224 -14.07 26.45 4.17
N TYR C 225 -14.02 26.59 2.85
CA TYR C 225 -15.21 26.72 2.02
C TYR C 225 -15.21 25.64 0.95
N ARG C 226 -16.40 25.36 0.44
CA ARG C 226 -16.60 24.37 -0.61
C ARG C 226 -16.88 25.08 -1.92
N LEU C 227 -16.19 24.67 -2.98
CA LEU C 227 -16.33 25.30 -4.28
C LEU C 227 -17.48 24.68 -5.05
N VAL C 228 -18.25 25.54 -5.73
CA VAL C 228 -19.45 25.13 -6.45
C VAL C 228 -19.45 25.82 -7.81
N LYS C 229 -20.21 25.24 -8.74
CA LYS C 229 -20.34 25.78 -10.09
C LYS C 229 -21.58 26.64 -10.28
N ASP C 230 -22.69 26.34 -9.61
CA ASP C 230 -23.86 27.19 -9.66
C ASP C 230 -24.41 27.45 -8.26
N SER D 14 30.30 9.71 -15.77
CA SER D 14 29.34 10.43 -16.60
C SER D 14 28.27 11.12 -15.75
N ILE D 15 28.60 12.30 -15.23
CA ILE D 15 27.73 13.07 -14.35
C ILE D 15 27.27 12.16 -13.21
N GLY D 16 28.23 11.60 -12.48
CA GLY D 16 27.91 10.72 -11.38
C GLY D 16 28.93 10.82 -10.27
N THR D 17 28.52 10.37 -9.09
CA THR D 17 29.37 10.30 -7.92
C THR D 17 29.29 8.88 -7.36
N THR D 18 30.02 8.64 -6.26
CA THR D 18 29.89 7.37 -5.54
C THR D 18 28.51 7.23 -4.89
N LYS D 19 27.92 8.35 -4.46
CA LYS D 19 26.62 8.32 -3.82
C LYS D 19 25.49 8.20 -4.83
N LEU D 20 25.56 8.95 -5.94
CA LEU D 20 24.50 8.96 -6.93
C LEU D 20 25.10 9.20 -8.31
N ARG D 21 24.50 8.56 -9.32
CA ARG D 21 24.88 8.78 -10.71
C ARG D 21 23.62 9.00 -11.55
N LEU D 22 23.72 9.93 -12.51
CA LEU D 22 22.64 10.26 -13.42
C LEU D 22 22.70 9.35 -14.65
N VAL D 23 21.63 8.61 -14.90
CA VAL D 23 21.59 7.69 -16.03
C VAL D 23 21.09 8.38 -17.30
N GLU D 24 19.96 9.08 -17.25
CA GLU D 24 19.42 9.66 -18.47
C GLU D 24 18.64 10.93 -18.13
N PHE D 25 18.73 11.91 -19.02
CA PHE D 25 18.04 13.18 -18.93
C PHE D 25 17.52 13.52 -20.32
N SER D 26 16.21 13.79 -20.43
CA SER D 26 15.63 14.07 -21.73
C SER D 26 14.55 15.14 -21.63
N ALA D 27 14.42 15.92 -22.71
CA ALA D 27 13.43 16.98 -22.84
C ALA D 27 12.89 16.98 -24.26
N PHE D 28 11.58 16.81 -24.42
CA PHE D 28 11.03 16.52 -25.73
C PHE D 28 9.76 17.31 -25.98
N LEU D 29 9.30 17.27 -27.23
CA LEU D 29 8.02 17.81 -27.66
C LEU D 29 7.30 16.71 -28.44
N GLU D 30 6.10 16.36 -27.99
CA GLU D 30 5.32 15.29 -28.60
C GLU D 30 4.16 15.85 -29.40
N GLN D 31 3.97 15.33 -30.61
CA GLN D 31 2.90 15.78 -31.49
C GLN D 31 1.76 14.78 -31.51
N LYS D 40 7.69 12.65 -31.46
CA LYS D 40 8.48 13.10 -30.31
C LYS D 40 9.81 13.67 -30.79
N HIS D 41 9.98 14.98 -30.64
CA HIS D 41 11.19 15.67 -31.08
C HIS D 41 11.94 16.14 -29.86
N LEU D 42 13.22 15.77 -29.76
CA LEU D 42 14.00 16.04 -28.57
C LEU D 42 14.62 17.43 -28.65
N PHE D 43 14.56 18.14 -27.52
CA PHE D 43 15.27 19.41 -27.40
C PHE D 43 16.71 19.17 -26.98
N VAL D 44 16.91 18.36 -25.93
CA VAL D 44 18.23 18.05 -25.42
C VAL D 44 18.25 16.59 -24.96
N HIS D 45 19.46 16.07 -24.74
CA HIS D 45 19.66 14.69 -24.36
C HIS D 45 20.94 14.55 -23.54
N ILE D 46 20.93 13.59 -22.61
CA ILE D 46 22.11 13.22 -21.84
C ILE D 46 22.11 11.71 -21.60
N PRO D 56 34.78 10.33 -22.20
CA PRO D 56 35.86 9.55 -21.60
C PRO D 56 36.58 10.30 -20.47
N LEU D 57 37.65 11.02 -20.83
CA LEU D 57 38.40 11.82 -19.86
C LEU D 57 37.54 12.98 -19.34
N LEU D 58 37.76 13.32 -18.07
CA LEU D 58 37.01 14.39 -17.43
C LEU D 58 37.76 15.71 -17.59
N GLU D 59 37.04 16.76 -17.98
CA GLU D 59 37.59 18.10 -18.11
C GLU D 59 37.11 18.96 -16.95
N SER D 60 38.02 19.68 -16.32
CA SER D 60 37.66 20.56 -15.21
C SER D 60 37.46 22.00 -15.70
N VAL D 61 36.67 22.75 -14.93
CA VAL D 61 36.40 24.16 -15.20
C VAL D 61 36.33 24.91 -13.88
N ASP D 62 36.93 26.09 -13.83
CA ASP D 62 36.81 26.94 -12.65
C ASP D 62 35.35 27.36 -12.47
N ILE D 63 34.83 27.16 -11.25
CA ILE D 63 33.45 27.54 -10.97
C ILE D 63 33.29 29.05 -10.88
N ARG D 64 34.32 29.76 -10.40
CA ARG D 64 34.23 31.22 -10.28
C ARG D 64 33.86 31.86 -11.62
N GLN D 65 34.16 31.19 -12.72
CA GLN D 65 33.83 31.71 -14.04
C GLN D 65 32.33 31.86 -14.23
N ILE D 66 31.55 30.87 -13.78
CA ILE D 66 30.10 30.87 -14.00
C ILE D 66 29.35 31.33 -12.77
N TYR D 67 30.05 31.90 -11.78
CA TYR D 67 29.38 32.44 -10.60
C TYR D 67 28.35 33.50 -11.01
N ASP D 68 28.68 34.33 -12.00
CA ASP D 68 27.78 35.38 -12.44
C ASP D 68 26.50 34.81 -13.06
N LYS D 69 26.58 33.63 -13.65
CA LYS D 69 25.48 33.06 -14.43
C LYS D 69 24.36 32.51 -13.55
N PHE D 70 24.63 32.24 -12.27
CA PHE D 70 23.67 31.65 -11.36
C PHE D 70 23.49 32.52 -10.11
N PRO D 71 22.47 32.28 -9.29
CA PRO D 71 22.26 33.13 -8.10
C PRO D 71 23.43 33.04 -7.12
N GLU D 72 23.80 34.20 -6.57
CA GLU D 72 24.91 34.30 -5.64
C GLU D 72 24.47 34.61 -4.22
N LYS D 73 23.17 34.79 -3.98
CA LYS D 73 22.67 35.17 -2.66
C LYS D 73 22.54 33.94 -1.76
N LYS D 74 21.64 34.01 -0.78
CA LYS D 74 21.39 32.87 0.10
C LYS D 74 20.84 31.70 -0.69
N GLY D 75 21.44 30.52 -0.51
CA GLY D 75 21.10 29.37 -1.31
C GLY D 75 21.71 29.37 -2.69
N GLY D 76 22.79 30.13 -2.90
CA GLY D 76 23.38 30.24 -4.22
C GLY D 76 24.41 29.16 -4.53
N LEU D 77 24.85 29.15 -5.78
CA LEU D 77 25.82 28.15 -6.23
C LEU D 77 27.13 28.28 -5.47
N LYS D 78 27.60 29.51 -5.25
CA LYS D 78 28.79 29.71 -4.43
C LYS D 78 28.59 29.16 -3.03
N GLU D 79 27.40 29.37 -2.46
CA GLU D 79 27.10 28.83 -1.14
C GLU D 79 26.98 27.32 -1.18
N LEU D 80 26.34 26.78 -2.23
CA LEU D 80 26.17 25.33 -2.34
C LEU D 80 27.51 24.63 -2.48
N PHE D 81 28.43 25.22 -3.27
CA PHE D 81 29.77 24.65 -3.39
C PHE D 81 30.51 24.73 -2.07
N GLY D 82 30.32 25.81 -1.32
CA GLY D 82 30.97 25.92 -0.02
C GLY D 82 30.45 24.94 1.00
N LYS D 83 29.24 24.44 0.83
CA LYS D 83 28.62 23.54 1.79
C LYS D 83 28.82 22.06 1.44
N GLY D 84 28.43 21.66 0.23
CA GLY D 84 28.39 20.26 -0.13
C GLY D 84 29.70 19.71 -0.63
N PRO D 85 29.71 18.40 -0.93
CA PRO D 85 30.92 17.77 -1.47
C PRO D 85 31.40 18.45 -2.75
N GLN D 86 32.72 18.65 -2.83
CA GLN D 86 33.30 19.39 -3.95
C GLN D 86 33.12 18.65 -5.27
N ASN D 87 33.27 17.32 -5.25
CA ASN D 87 33.20 16.52 -6.47
C ASN D 87 31.78 16.36 -7.01
N ALA D 88 30.76 16.68 -6.22
CA ALA D 88 29.38 16.52 -6.67
C ALA D 88 29.06 17.45 -7.84
N PHE D 89 29.66 18.64 -7.86
CA PHE D 89 29.25 19.69 -8.78
C PHE D 89 29.76 19.44 -10.19
N PHE D 90 28.95 19.83 -11.17
CA PHE D 90 29.20 19.55 -12.57
C PHE D 90 28.80 20.76 -13.41
N LEU D 91 29.07 20.67 -14.70
CA LEU D 91 28.62 21.63 -15.69
C LEU D 91 28.24 20.87 -16.94
N VAL D 92 27.16 21.31 -17.59
CA VAL D 92 26.72 20.66 -18.82
C VAL D 92 26.40 21.77 -19.82
N LYS D 93 27.24 21.91 -20.83
CA LYS D 93 27.00 22.86 -21.92
C LYS D 93 26.12 22.19 -22.96
N PHE D 94 24.87 22.64 -23.06
CA PHE D 94 23.91 22.04 -23.97
C PHE D 94 23.90 22.73 -25.32
N TRP D 95 23.75 21.94 -26.38
CA TRP D 95 23.48 22.45 -27.73
C TRP D 95 22.07 21.98 -28.09
N ALA D 96 21.08 22.84 -27.83
CA ALA D 96 19.69 22.43 -27.93
C ALA D 96 19.18 22.55 -29.36
N ASP D 97 18.40 21.55 -29.78
CA ASP D 97 17.78 21.50 -31.11
C ASP D 97 16.44 22.23 -31.00
N LEU D 98 16.46 23.53 -31.27
CA LEU D 98 15.24 24.32 -31.16
C LEU D 98 14.31 24.22 -32.37
N ASN D 99 14.70 23.56 -33.45
CA ASN D 99 13.83 23.49 -34.61
C ASN D 99 12.76 22.41 -34.42
N CYS D 100 11.52 22.76 -34.75
CA CYS D 100 10.42 21.82 -34.81
C CYS D 100 9.20 22.55 -35.38
N ASN D 101 8.28 21.78 -35.95
CA ASN D 101 7.04 22.33 -36.45
C ASN D 101 6.02 22.35 -35.32
N ILE D 102 5.35 23.49 -35.15
CA ILE D 102 4.35 23.68 -34.10
C ILE D 102 2.98 23.77 -34.77
N GLN D 103 2.06 22.92 -34.34
CA GLN D 103 0.71 22.91 -34.88
C GLN D 103 -0.27 23.53 -33.88
N GLY D 107 -2.96 19.08 -29.20
CA GLY D 107 -2.32 17.80 -28.98
C GLY D 107 -0.84 17.92 -28.67
N ALA D 108 -0.41 19.10 -28.24
CA ALA D 108 0.99 19.37 -28.00
C ALA D 108 1.34 19.10 -26.55
N PHE D 109 2.54 18.56 -26.32
CA PHE D 109 2.98 18.23 -24.97
C PHE D 109 4.49 18.42 -24.88
N TYR D 110 4.91 19.25 -23.93
CA TYR D 110 6.32 19.48 -23.63
C TYR D 110 6.63 18.77 -22.31
N GLY D 111 7.61 17.89 -22.32
CA GLY D 111 7.90 17.07 -21.16
C GLY D 111 9.38 16.81 -20.97
N VAL D 112 9.74 16.56 -19.72
CA VAL D 112 11.12 16.26 -19.33
C VAL D 112 11.13 14.93 -18.58
N THR D 113 11.99 14.02 -19.01
CA THR D 113 12.12 12.71 -18.37
C THR D 113 13.56 12.53 -17.89
N SER D 114 13.72 12.35 -16.58
CA SER D 114 15.03 12.14 -15.98
C SER D 114 15.00 10.88 -15.12
N GLN D 115 16.15 10.21 -15.06
CA GLN D 115 16.28 8.94 -14.35
C GLN D 115 17.64 8.88 -13.67
N TYR D 116 17.66 8.61 -12.38
CA TYR D 116 18.88 8.55 -11.60
C TYR D 116 19.07 7.15 -11.01
N GLU D 117 20.23 6.94 -10.40
CA GLU D 117 20.58 5.63 -9.84
C GLU D 117 21.53 5.81 -8.66
N SER D 118 21.42 4.90 -7.69
CA SER D 118 22.26 4.98 -6.50
C SER D 118 22.48 3.58 -5.94
N SER D 119 23.50 3.47 -5.09
CA SER D 119 23.87 2.18 -4.51
C SER D 119 23.06 1.86 -3.26
N GLU D 120 22.71 2.87 -2.47
CA GLU D 120 21.94 2.67 -1.24
C GLU D 120 20.59 3.34 -1.37
N ASN D 121 19.62 2.84 -0.61
CA ASN D 121 18.27 3.40 -0.65
C ASN D 121 18.22 4.74 0.09
N MET D 122 17.57 5.72 -0.54
CA MET D 122 17.34 7.03 0.06
C MET D 122 16.32 7.76 -0.80
N THR D 123 15.55 8.63 -0.15
CA THR D 123 14.60 9.46 -0.86
C THR D 123 15.32 10.64 -1.47
N VAL D 124 15.09 10.89 -2.75
CA VAL D 124 15.84 11.88 -3.52
C VAL D 124 14.91 12.98 -3.98
N THR D 125 15.40 14.23 -3.93
CA THR D 125 14.66 15.40 -4.35
C THR D 125 15.45 16.13 -5.43
N CYS D 126 14.83 16.32 -6.60
CA CYS D 126 15.45 17.00 -7.73
C CYS D 126 14.73 18.33 -7.94
N SER D 127 15.39 19.43 -7.59
CA SER D 127 14.83 20.77 -7.74
C SER D 127 15.41 21.41 -9.00
N THR D 128 14.55 21.71 -9.96
CA THR D 128 14.95 22.35 -11.21
C THR D 128 14.73 23.85 -11.07
N LYS D 129 15.81 24.63 -11.09
CA LYS D 129 15.74 26.09 -11.01
C LYS D 129 16.11 26.66 -12.38
N VAL D 130 15.13 27.23 -13.06
CA VAL D 130 15.37 27.95 -14.31
C VAL D 130 15.47 29.43 -13.98
N CYS D 131 16.58 30.04 -14.35
CA CYS D 131 16.86 31.44 -14.03
C CYS D 131 17.25 32.21 -15.28
N SER D 132 16.88 33.49 -15.31
CA SER D 132 17.22 34.41 -16.38
C SER D 132 18.05 35.55 -15.81
N PHE D 133 19.23 35.78 -16.41
CA PHE D 133 20.16 36.81 -15.94
C PHE D 133 20.58 36.55 -14.50
N GLY D 134 20.71 35.28 -14.15
CA GLY D 134 21.09 34.90 -12.80
C GLY D 134 20.04 35.11 -11.74
N LYS D 135 18.79 35.38 -12.13
CA LYS D 135 17.71 35.62 -11.20
C LYS D 135 16.74 34.43 -11.29
N GLN D 136 16.57 33.74 -10.17
CA GLN D 136 15.71 32.55 -10.15
C GLN D 136 14.30 32.90 -10.59
N VAL D 137 13.93 32.52 -11.81
CA VAL D 137 12.60 32.82 -12.32
C VAL D 137 11.58 31.84 -11.77
N VAL D 138 11.78 30.55 -12.02
CA VAL D 138 10.82 29.51 -11.65
C VAL D 138 11.61 28.35 -11.07
N GLU D 139 11.02 27.69 -10.06
CA GLU D 139 11.61 26.50 -9.44
C GLU D 139 10.59 25.38 -9.43
N LYS D 140 10.99 24.20 -9.89
CA LYS D 140 10.17 23.00 -9.82
C LYS D 140 10.95 21.94 -9.07
N VAL D 141 10.56 21.70 -7.82
CA VAL D 141 11.24 20.77 -6.94
C VAL D 141 10.39 19.51 -6.80
N GLU D 142 10.99 18.35 -7.12
CA GLU D 142 10.31 17.06 -7.14
C GLU D 142 11.05 16.07 -6.26
N THR D 143 10.32 15.33 -5.43
CA THR D 143 10.88 14.32 -4.53
C THR D 143 10.45 12.94 -4.99
N GLU D 144 11.42 12.02 -5.09
CA GLU D 144 11.15 10.67 -5.56
C GLU D 144 11.74 9.65 -4.59
N TYR D 145 11.04 8.52 -4.45
CA TYR D 145 11.50 7.43 -3.60
C TYR D 145 12.30 6.43 -4.41
N ALA D 146 13.20 5.72 -3.72
CA ALA D 146 13.99 4.69 -4.36
C ALA D 146 13.09 3.55 -4.83
N ARG D 147 13.36 3.05 -6.04
CA ARG D 147 12.62 1.91 -6.57
C ARG D 147 13.61 0.86 -7.05
N PHE D 148 13.55 -0.33 -6.47
CA PHE D 148 14.50 -1.39 -6.75
C PHE D 148 14.27 -1.97 -8.14
N GLU D 149 15.24 -1.81 -9.03
CA GLU D 149 15.14 -2.34 -10.38
C GLU D 149 16.43 -3.07 -10.72
N ASN D 150 16.33 -4.39 -10.94
CA ASN D 150 17.43 -5.20 -11.44
C ASN D 150 18.70 -5.03 -10.61
N GLY D 151 18.54 -5.09 -9.29
CA GLY D 151 19.68 -5.05 -8.41
C GLY D 151 20.24 -3.68 -8.11
N ARG D 152 19.60 -2.61 -8.60
CA ARG D 152 20.05 -1.26 -8.34
C ARG D 152 18.86 -0.38 -7.95
N PHE D 153 19.16 0.69 -7.22
CA PHE D 153 18.14 1.67 -6.83
C PHE D 153 17.99 2.69 -7.95
N VAL D 154 16.77 2.85 -8.44
CA VAL D 154 16.48 3.69 -9.59
C VAL D 154 15.52 4.79 -9.18
N TYR D 155 15.96 6.04 -9.33
CA TYR D 155 15.09 7.20 -9.17
C TYR D 155 14.73 7.66 -10.58
N ARG D 156 13.46 7.54 -10.95
CA ARG D 156 13.03 7.89 -12.30
C ARG D 156 11.94 8.95 -12.25
N ILE D 157 12.21 10.09 -12.87
CA ILE D 157 11.23 11.16 -13.06
C ILE D 157 10.76 11.06 -14.50
N ASN D 158 9.58 10.51 -14.71
CA ASN D 158 9.11 10.19 -16.06
C ASN D 158 8.03 11.18 -16.47
N ARG D 159 8.27 11.87 -17.59
CA ARG D 159 7.28 12.71 -18.26
C ARG D 159 6.83 13.88 -17.37
N SER D 160 7.80 14.64 -16.90
CA SER D 160 7.50 15.84 -16.11
C SER D 160 7.00 16.94 -17.03
N PRO D 161 5.78 17.44 -16.85
CA PRO D 161 5.30 18.54 -17.71
C PRO D 161 6.17 19.77 -17.58
N MET D 162 6.54 20.34 -18.73
CA MET D 162 7.38 21.53 -18.75
C MET D 162 6.62 22.75 -18.23
N CYS D 163 7.38 23.68 -17.64
CA CYS D 163 6.84 24.93 -17.15
C CYS D 163 6.08 25.68 -18.25
N GLU D 164 5.05 26.41 -17.85
CA GLU D 164 4.42 27.34 -18.78
C GLU D 164 5.40 28.42 -19.20
N TYR D 165 6.37 28.74 -18.32
CA TYR D 165 7.41 29.70 -18.66
C TYR D 165 8.33 29.16 -19.74
N MET D 166 8.66 27.87 -19.68
CA MET D 166 9.57 27.29 -20.67
C MET D 166 8.87 27.12 -22.02
N ILE D 167 7.56 26.88 -22.00
CA ILE D 167 6.83 26.74 -23.26
C ILE D 167 6.78 28.07 -23.99
N ASN D 168 6.64 29.16 -23.23
CA ASN D 168 6.71 30.49 -23.84
C ASN D 168 8.13 30.82 -24.28
N PHE D 169 9.14 30.26 -23.61
CA PHE D 169 10.52 30.53 -23.99
C PHE D 169 10.85 29.92 -25.34
N ILE D 170 10.50 28.64 -25.55
CA ILE D 170 10.75 28.00 -26.82
C ILE D 170 9.99 28.71 -27.94
N HIS D 171 8.73 29.10 -27.66
CA HIS D 171 7.94 29.83 -28.64
C HIS D 171 8.58 31.17 -28.96
N LYS D 172 9.08 31.87 -27.94
CA LYS D 172 9.78 33.14 -28.14
C LYS D 172 11.06 32.93 -28.93
N LEU D 173 11.79 31.85 -28.65
CA LEU D 173 13.03 31.58 -29.37
C LEU D 173 12.76 31.28 -30.84
N LYS D 174 11.70 30.52 -31.13
CA LYS D 174 11.42 30.13 -32.51
C LYS D 174 11.09 31.33 -33.37
N HIS D 175 10.33 32.30 -32.81
CA HIS D 175 9.89 33.44 -33.61
C HIS D 175 11.07 34.35 -33.98
N LEU D 176 12.11 34.36 -33.15
CA LEU D 176 13.32 35.11 -33.44
C LEU D 176 13.86 34.79 -34.83
N PRO D 177 14.14 35.79 -35.66
CA PRO D 177 14.45 35.51 -37.08
C PRO D 177 15.73 34.72 -37.32
N GLU D 178 16.79 34.98 -36.56
CA GLU D 178 18.11 34.43 -36.85
C GLU D 178 18.56 33.44 -35.77
N LYS D 179 19.33 32.44 -36.21
CA LYS D 179 19.80 31.41 -35.28
C LYS D 179 20.71 31.99 -34.21
N TYR D 180 21.70 32.79 -34.60
CA TYR D 180 22.59 33.39 -33.62
C TYR D 180 21.88 34.35 -32.67
N MET D 181 20.71 34.86 -33.06
CA MET D 181 19.95 35.68 -32.13
C MET D 181 19.51 34.86 -30.92
N MET D 182 19.21 33.59 -31.15
CA MET D 182 18.81 32.70 -30.06
C MET D 182 19.94 32.51 -29.07
N ASN D 183 21.17 32.33 -29.56
CA ASN D 183 22.31 32.19 -28.66
C ASN D 183 22.56 33.46 -27.86
N SER D 184 22.20 34.63 -28.42
CA SER D 184 22.47 35.88 -27.73
C SER D 184 21.61 36.02 -26.48
N VAL D 185 20.33 35.68 -26.58
CA VAL D 185 19.48 35.69 -25.39
C VAL D 185 19.78 34.48 -24.51
N LEU D 186 20.19 33.36 -25.11
CA LEU D 186 20.54 32.17 -24.34
C LEU D 186 21.79 32.35 -23.50
N GLU D 187 22.59 33.40 -23.77
CA GLU D 187 23.75 33.70 -22.94
C GLU D 187 23.36 33.85 -21.47
N ASN D 188 22.21 34.48 -21.22
CA ASN D 188 21.77 34.76 -19.86
C ASN D 188 20.73 33.76 -19.36
N PHE D 189 20.51 32.68 -20.09
CA PHE D 189 19.57 31.63 -19.70
C PHE D 189 20.34 30.49 -19.06
N THR D 190 19.95 30.13 -17.84
CA THR D 190 20.65 29.09 -17.11
C THR D 190 19.66 28.27 -16.29
N ILE D 191 19.91 26.97 -16.20
CA ILE D 191 19.09 26.06 -15.40
C ILE D 191 20.03 25.34 -14.44
N LEU D 192 19.80 25.51 -13.14
CA LEU D 192 20.60 24.87 -12.12
C LEU D 192 19.82 23.69 -11.56
N LEU D 193 20.40 22.50 -11.68
CA LEU D 193 19.79 21.27 -11.18
C LEU D 193 20.54 20.82 -9.94
N VAL D 194 19.84 20.75 -8.82
CA VAL D 194 20.40 20.34 -7.55
C VAL D 194 19.61 19.14 -7.06
N VAL D 195 20.21 17.96 -7.14
CA VAL D 195 19.61 16.71 -6.68
C VAL D 195 20.16 16.41 -5.29
N THR D 196 19.26 16.25 -4.32
CA THR D 196 19.63 16.01 -2.94
C THR D 196 18.76 14.90 -2.37
N ASN D 197 19.27 14.24 -1.34
CA ASN D 197 18.49 13.25 -0.61
C ASN D 197 17.65 13.97 0.44
N ARG D 198 16.33 13.72 0.39
CA ARG D 198 15.37 14.55 1.13
C ARG D 198 15.62 14.53 2.64
N ASP D 199 16.00 13.38 3.19
CA ASP D 199 16.10 13.27 4.64
C ASP D 199 17.25 14.08 5.22
N THR D 200 18.44 14.00 4.61
CA THR D 200 19.63 14.59 5.23
C THR D 200 19.96 16.00 4.75
N GLN D 201 19.29 16.49 3.70
CA GLN D 201 19.61 17.80 3.12
C GLN D 201 21.08 17.90 2.72
N GLU D 202 21.63 16.81 2.19
CA GLU D 202 23.01 16.76 1.75
C GLU D 202 23.05 16.91 0.24
N THR D 203 23.97 17.75 -0.25
CA THR D 203 24.10 17.92 -1.69
C THR D 203 24.64 16.64 -2.31
N LEU D 204 23.83 16.00 -3.14
CA LEU D 204 24.18 14.73 -3.76
C LEU D 204 24.77 14.90 -5.15
N LEU D 205 24.18 15.79 -5.94
CA LEU D 205 24.63 16.00 -7.31
C LEU D 205 24.07 17.36 -7.74
N CYS D 206 24.87 18.10 -8.51
CA CYS D 206 24.45 19.45 -8.92
C CYS D 206 25.09 19.73 -10.27
N MET D 207 24.26 19.89 -11.30
CA MET D 207 24.72 20.22 -12.64
C MET D 207 24.18 21.59 -13.03
N ALA D 208 25.09 22.53 -13.27
CA ALA D 208 24.76 23.86 -13.77
C ALA D 208 24.88 23.86 -15.29
N CYS D 209 23.77 24.13 -15.97
CA CYS D 209 23.66 23.95 -17.42
C CYS D 209 23.54 25.31 -18.11
N VAL D 210 24.38 25.52 -19.12
CA VAL D 210 24.32 26.70 -19.97
C VAL D 210 23.91 26.26 -21.36
N PHE D 211 23.07 27.06 -22.02
CA PHE D 211 22.40 26.62 -23.24
C PHE D 211 22.83 27.46 -24.44
N GLU D 212 23.00 26.78 -25.57
CA GLU D 212 23.27 27.40 -26.85
C GLU D 212 22.48 26.63 -27.92
N VAL D 213 22.09 27.32 -28.98
CA VAL D 213 21.43 26.65 -30.09
C VAL D 213 22.47 25.94 -30.93
N SER D 214 22.12 24.77 -31.44
CA SER D 214 23.02 23.97 -32.25
C SER D 214 22.84 24.32 -33.72
N ASN D 215 23.97 24.46 -34.42
CA ASN D 215 23.91 24.77 -35.84
C ASN D 215 23.46 23.57 -36.65
N SER D 216 23.83 22.37 -36.21
CA SER D 216 23.46 21.14 -36.90
C SER D 216 21.94 20.97 -36.99
N GLY D 219 20.38 16.56 -34.25
CA GLY D 219 20.94 17.90 -34.13
C GLY D 219 21.28 18.27 -32.71
N ALA D 220 20.92 17.42 -31.76
CA ALA D 220 21.19 17.70 -30.35
C ALA D 220 22.64 17.38 -30.00
N GLN D 221 23.21 18.19 -29.11
CA GLN D 221 24.58 17.97 -28.65
C GLN D 221 24.70 18.54 -27.24
N HIS D 222 25.80 18.18 -26.56
CA HIS D 222 26.08 18.68 -25.23
C HIS D 222 27.50 18.28 -24.82
N HIS D 223 28.10 19.07 -23.95
CA HIS D 223 29.41 18.79 -23.40
C HIS D 223 29.38 18.96 -21.89
N ILE D 224 30.06 18.07 -21.18
CA ILE D 224 30.02 18.02 -19.72
C ILE D 224 31.39 18.37 -19.15
N TYR D 225 31.39 19.18 -18.09
CA TYR D 225 32.61 19.57 -17.41
C TYR D 225 32.43 19.40 -15.91
N ARG D 226 33.55 19.40 -15.19
CA ARG D 226 33.54 19.29 -13.73
C ARG D 226 33.99 20.62 -13.12
N LEU D 227 33.21 21.11 -12.16
CA LEU D 227 33.50 22.39 -11.50
C LEU D 227 34.44 22.18 -10.33
N VAL D 228 35.40 23.10 -10.18
CA VAL D 228 36.41 23.07 -9.12
C VAL D 228 36.72 24.50 -8.70
N LYS D 229 37.45 24.62 -7.59
CA LYS D 229 37.92 25.92 -7.10
C LYS D 229 39.45 25.94 -7.02
C1 KK9 E . 5.50 -30.25 9.65
C10 KK9 E . -2.48 -24.88 9.99
C11 KK9 E . 1.57 -24.81 6.95
C12 KK9 E . 2.84 -24.93 6.42
C13 KK9 E . 3.87 -25.40 7.22
C14 KK9 E . 5.26 -25.53 6.63
C15 KK9 E . 4.38 -28.44 8.53
C16 KK9 E . 4.66 -29.80 8.65
C2 KK9 E . 6.07 -29.35 10.54
C3 KK9 E . 5.79 -27.99 10.42
C4 KK9 E . 4.94 -27.54 9.42
C5 KK9 E . 3.64 -25.74 8.54
C6 KK9 E . 2.37 -25.62 9.07
C7 KK9 E . 1.32 -25.16 8.28
C8 KK9 E . -0.44 -23.80 8.89
C9 KK9 E . -1.86 -23.66 9.33
N1 KK9 E . 0.08 -25.03 8.79
O1 KK9 E . 4.68 -26.20 9.31
O2 KK9 E . 0.18 -22.78 8.61
CL1 KK9 E . 5.84 -32.00 9.79
C1 KK9 F . -26.67 -26.07 3.31
C10 KK9 F . -17.07 -24.70 3.18
C11 KK9 F . -20.65 -22.64 6.02
C12 KK9 F . -21.92 -22.20 6.37
C13 KK9 F . -22.97 -22.35 5.49
C14 KK9 F . -24.33 -21.86 5.90
C15 KK9 F . -25.67 -24.13 2.32
C16 KK9 F . -26.64 -25.12 2.31
C2 KK9 F . -25.73 -26.01 4.34
C3 KK9 F . -24.75 -25.02 4.35
C4 KK9 F . -24.73 -24.07 3.34
C5 KK9 F . -22.77 -22.92 4.24
C6 KK9 F . -21.49 -23.35 3.88
C7 KK9 F . -20.43 -23.20 4.78
C8 KK9 F . -18.21 -22.77 4.26
C9 KK9 F . -16.87 -23.35 3.87
N1 KK9 F . -19.20 -23.63 4.43
O1 KK9 F . -23.78 -23.08 3.33
O2 KK9 F . -18.32 -21.55 4.39
CL1 KK9 F . -27.91 -27.36 3.31
C1 KK9 G . 2.71 31.99 4.26
C10 KK9 G . 7.58 25.60 -1.10
C11 KK9 G . 2.84 25.68 0.54
C12 KK9 G . 1.71 25.93 1.29
C13 KK9 G . 1.80 26.67 2.47
C14 KK9 G . 0.57 26.95 3.27
C15 KK9 G . 2.46 29.94 3.02
C16 KK9 G . 2.34 31.31 3.09
C2 KK9 G . 3.21 31.29 5.35
C3 KK9 G . 3.34 29.90 5.27
C4 KK9 G . 2.96 29.23 4.11
C5 KK9 G . 3.02 27.15 2.89
C6 KK9 G . 4.17 26.88 2.15
C7 KK9 G . 4.09 26.15 0.96
C8 KK9 G . 5.59 24.62 0.07
C9 KK9 G . 6.78 24.35 -0.82
N1 KK9 G . 5.19 25.89 0.23
O1 KK9 G . 3.10 27.86 4.05
O2 KK9 G . 5.02 23.66 0.58
CL1 KK9 G . 2.54 33.77 4.36
C1 KK9 H . 15.80 24.65 -23.72
C10 KK9 H . 10.27 24.10 -16.28
C11 KK9 H . 14.55 21.75 -17.20
C12 KK9 H . 15.53 21.21 -18.03
C13 KK9 H . 15.37 21.22 -19.41
C14 KK9 H . 16.43 20.62 -20.29
C15 KK9 H . 15.32 23.78 -21.52
C16 KK9 H . 15.93 24.73 -22.33
C2 KK9 H . 15.09 23.61 -24.29
C3 KK9 H . 14.48 22.66 -23.48
C4 KK9 H . 14.60 22.74 -22.10
C5 KK9 H . 14.21 21.76 -19.96
C6 KK9 H . 13.24 22.29 -19.13
C7 KK9 H . 13.40 22.29 -17.77
C8 KK9 H . 11.69 22.09 -16.18
C9 KK9 H . 10.62 22.85 -15.46
N1 KK9 H . 12.43 22.82 -17.00
O1 KK9 H . 14.01 21.78 -21.32
O2 KK9 H . 11.84 20.88 -16.02
CL1 KK9 H . 16.57 25.89 -24.76
#